data_7YLZ
#
_entry.id   7YLZ
#
_cell.length_a   67.680
_cell.length_b   76.570
_cell.length_c   82.140
_cell.angle_alpha   101.153
_cell.angle_beta   114.435
_cell.angle_gamma   109.556
#
_symmetry.space_group_name_H-M   'P 1'
#
loop_
_entity.id
_entity.type
_entity.pdbx_description
1 polymer hydroxyamidotransferase
2 non-polymer 'SULFATE ION'
3 water water
#
_entity_poly.entity_id   1
_entity_poly.type   'polypeptide(L)'
_entity_poly.pdbx_seq_one_letter_code
;MCGVAGWVSFRQDLSHEENILAGMTNSMTCRGPDASGQWLSRHAALGHRRLSIIDLPGGTQPMTVDTPGGPVTMSYSGET
YNFVELRDELRKRGHTFRTRSDTEVVLRGYLEWGAAIAERMVGMCAIAIWDSRYERLTLIRDRMGTKPMHYYRTKDGLLF
GSEPKAILAHPDVKPVVDMEGMRQLFSFFTSSENAVWADMKVMTPGTVIEFDRNGLREHTYWQLSAEEHTDDLDTTVARV
RQMVEDNVRHELVADVPLGLLLSGGLDSSALAGIASRHLTAKGERARTFSVDFPGQSENFQPHEMADSADAPYAKEMAAH
IGSEHHDIVLDHRRLSDPDLRRSVVAAWDLPWGMGDINGSMYLLFKAVREHVTVALSGEAADEIFAGHVWHQSKAARYGG
TFPWHTTWLKRVDCSAYLTGEFNAALDSETYTADRFQEATARVPYLDGEDEEQRMYRRSLHLGLNHFMRVLEDRVDRMAM
AVGLETRVPFCDYRLAQYLYNVPWTMQTFDGREKSLLRASVTDVVTPSVVARRKSPYPSTQDTLYVGALQEQVKILLKEP
SSPVFDLFDRSKLAEAAELSPQQIAGAPRAAFEKALDLAVWFEIRNPELRYLVPRGSHHHHHH
;
_entity_poly.pdbx_strand_id   A,B
#
loop_
_chem_comp.id
_chem_comp.type
_chem_comp.name
_chem_comp.formula
SO4 non-polymer 'SULFATE ION' 'O4 S -2'
#
# COMPACT_ATOMS: atom_id res chain seq x y z
N CYS A 2 7.73 -11.56 16.33
CA CYS A 2 7.30 -10.27 16.96
C CYS A 2 8.11 -9.10 16.38
N GLY A 3 7.73 -7.86 16.72
CA GLY A 3 8.35 -6.61 16.25
C GLY A 3 8.48 -5.59 17.37
N VAL A 4 9.70 -5.38 17.87
CA VAL A 4 10.02 -4.43 18.99
C VAL A 4 10.41 -3.08 18.38
N ALA A 5 9.88 -1.98 18.94
CA ALA A 5 10.25 -0.58 18.64
C ALA A 5 10.17 0.25 19.92
N GLY A 6 10.70 1.48 19.91
CA GLY A 6 10.62 2.40 21.06
C GLY A 6 11.53 3.61 20.92
N TRP A 7 11.48 4.51 21.90
CA TRP A 7 12.14 5.84 21.88
C TRP A 7 12.42 6.31 23.33
N VAL A 8 13.69 6.56 23.65
CA VAL A 8 14.15 7.15 24.95
C VAL A 8 14.63 8.58 24.70
N SER A 9 14.33 9.50 25.61
CA SER A 9 14.81 10.91 25.58
C SER A 9 14.86 11.49 27.00
N PHE A 10 15.95 12.18 27.32
CA PHE A 10 16.14 12.95 28.58
C PHE A 10 16.09 14.45 28.26
N ARG A 11 15.51 14.80 27.09
CA ARG A 11 15.34 16.19 26.59
C ARG A 11 13.86 16.50 26.35
N GLN A 12 13.08 15.53 25.85
CA GLN A 12 11.63 15.69 25.50
C GLN A 12 10.78 14.80 26.41
N ASP A 13 9.52 15.21 26.65
CA ASP A 13 8.50 14.45 27.42
C ASP A 13 7.76 13.51 26.46
N LEU A 14 7.99 12.20 26.59
CA LEU A 14 7.44 11.16 25.67
C LEU A 14 6.16 10.55 26.26
N SER A 15 5.51 11.24 27.19
CA SER A 15 4.27 10.80 27.88
C SER A 15 3.13 10.64 26.87
N HIS A 16 3.00 11.61 25.95
CA HIS A 16 1.90 11.70 24.95
C HIS A 16 2.47 11.84 23.54
N GLU A 17 3.36 10.92 23.15
CA GLU A 17 3.89 10.77 21.77
C GLU A 17 3.53 9.38 21.26
N GLU A 18 2.25 8.99 21.42
CA GLU A 18 1.71 7.66 21.04
C GLU A 18 1.68 7.53 19.51
N ASN A 19 1.24 8.57 18.82
CA ASN A 19 1.06 8.62 17.34
C ASN A 19 2.42 8.36 16.66
N ILE A 20 3.50 8.94 17.19
CA ILE A 20 4.89 8.73 16.70
C ILE A 20 5.28 7.28 16.97
N LEU A 21 5.18 6.84 18.23
CA LEU A 21 5.49 5.44 18.67
C LEU A 21 4.74 4.45 17.79
N ALA A 22 3.47 4.73 17.50
CA ALA A 22 2.59 3.90 16.64
C ALA A 22 3.19 3.79 15.23
N GLY A 23 3.58 4.93 14.66
CA GLY A 23 4.24 5.02 13.34
C GLY A 23 5.46 4.12 13.25
N MET A 24 6.24 4.03 14.33
CA MET A 24 7.46 3.19 14.44
C MET A 24 7.03 1.72 14.53
N THR A 25 6.16 1.42 15.49
CA THR A 25 5.71 0.04 15.85
C THR A 25 4.95 -0.59 14.68
N ASN A 26 3.95 0.11 14.15
CA ASN A 26 2.94 -0.43 13.19
C ASN A 26 3.57 -0.63 11.81
N SER A 27 4.71 0.01 11.53
CA SER A 27 5.53 -0.21 10.31
C SER A 27 5.90 -1.71 10.20
N MET A 28 6.00 -2.38 11.35
CA MET A 28 6.35 -3.83 11.45
C MET A 28 5.11 -4.65 11.84
N THR A 29 3.91 -4.20 11.45
CA THR A 29 2.63 -4.93 11.66
C THR A 29 2.76 -6.36 11.11
N CYS A 30 3.47 -6.51 9.98
CA CYS A 30 3.81 -7.80 9.34
C CYS A 30 4.46 -8.77 10.34
N ARG A 31 5.46 -8.29 11.10
CA ARG A 31 6.25 -9.09 12.07
C ARG A 31 5.33 -9.72 13.12
N GLY A 32 4.35 -8.95 13.60
CA GLY A 32 3.35 -9.38 14.60
C GLY A 32 1.95 -8.91 14.21
N PRO A 33 1.20 -9.69 13.39
CA PRO A 33 -0.13 -9.29 12.92
C PRO A 33 -1.24 -9.52 13.96
N ASP A 34 -0.99 -10.39 14.95
CA ASP A 34 -2.00 -10.85 15.95
C ASP A 34 -2.47 -9.67 16.80
N ALA A 35 -1.53 -8.91 17.36
CA ALA A 35 -1.81 -7.81 18.32
C ALA A 35 -0.72 -6.73 18.24
N SER A 36 -0.98 -5.59 18.90
CA SER A 36 -0.01 -4.48 19.12
C SER A 36 -0.23 -3.88 20.51
N GLY A 37 0.83 -3.32 21.10
CA GLY A 37 0.79 -2.67 22.42
C GLY A 37 1.67 -1.44 22.49
N GLN A 38 1.38 -0.55 23.44
CA GLN A 38 2.14 0.69 23.72
C GLN A 38 2.26 0.89 25.23
N TRP A 39 3.44 1.29 25.69
CA TRP A 39 3.70 1.79 27.08
C TRP A 39 4.49 3.09 26.97
N LEU A 40 3.90 4.21 27.41
CA LEU A 40 4.49 5.58 27.32
C LEU A 40 4.80 6.09 28.73
N SER A 41 5.93 6.81 28.88
CA SER A 41 6.36 7.49 30.13
C SER A 41 7.22 8.71 29.77
N ARG A 42 7.60 9.50 30.77
CA ARG A 42 8.28 10.81 30.59
C ARG A 42 9.53 10.65 29.71
N HIS A 43 10.33 9.61 29.97
CA HIS A 43 11.69 9.43 29.39
C HIS A 43 11.76 8.26 28.41
N ALA A 44 10.73 7.40 28.37
CA ALA A 44 10.73 6.15 27.58
C ALA A 44 9.33 5.84 27.03
N ALA A 45 9.27 5.40 25.78
CA ALA A 45 8.05 4.94 25.07
C ALA A 45 8.38 3.62 24.34
N LEU A 46 7.83 2.50 24.83
CA LEU A 46 8.04 1.15 24.25
C LEU A 46 6.78 0.74 23.48
N GLY A 47 6.95 0.34 22.22
CA GLY A 47 5.90 -0.28 21.38
C GLY A 47 6.24 -1.73 21.07
N HIS A 48 5.26 -2.53 20.69
CA HIS A 48 5.41 -3.98 20.36
C HIS A 48 4.37 -4.42 19.32
N ARG A 49 4.82 -5.13 18.29
CA ARG A 49 3.97 -5.95 17.37
C ARG A 49 4.18 -7.42 17.74
N ARG A 50 3.09 -8.17 17.95
CA ARG A 50 3.13 -9.52 18.54
C ARG A 50 2.62 -10.57 17.54
N LEU A 51 3.44 -11.60 17.29
CA LEU A 51 3.04 -12.90 16.68
C LEU A 51 2.93 -13.93 17.81
N SER A 52 1.72 -14.17 18.31
CA SER A 52 1.43 -15.04 19.48
C SER A 52 1.79 -16.50 19.16
N ILE A 53 2.77 -17.04 19.87
CA ILE A 53 3.29 -18.45 19.73
C ILE A 53 3.09 -19.20 21.04
N ILE A 54 3.51 -18.60 22.17
CA ILE A 54 3.39 -19.17 23.55
C ILE A 54 2.45 -18.25 24.37
N ASP A 55 1.31 -18.79 24.81
CA ASP A 55 0.33 -18.11 25.71
C ASP A 55 -0.24 -16.87 24.98
N LEU A 56 -1.35 -17.04 24.27
CA LEU A 56 -2.01 -15.97 23.46
C LEU A 56 -2.53 -14.86 24.37
N PRO A 57 -3.43 -15.13 25.36
CA PRO A 57 -4.02 -14.06 26.16
C PRO A 57 -3.06 -13.45 27.20
N GLY A 58 -2.06 -14.22 27.64
CA GLY A 58 -1.17 -13.88 28.77
C GLY A 58 0.04 -13.08 28.35
N GLY A 59 0.65 -13.41 27.20
CA GLY A 59 1.94 -12.85 26.75
C GLY A 59 1.78 -11.47 26.10
N THR A 60 0.83 -10.66 26.58
CA THR A 60 0.53 -9.29 26.07
C THR A 60 1.75 -8.39 26.31
N GLN A 61 2.24 -7.71 25.27
CA GLN A 61 3.41 -6.80 25.34
C GLN A 61 3.01 -5.41 24.84
N PRO A 62 3.70 -4.33 25.26
CA PRO A 62 4.78 -4.40 26.25
C PRO A 62 4.26 -4.83 27.64
N MET A 63 4.93 -5.81 28.25
CA MET A 63 4.63 -6.32 29.62
C MET A 63 5.34 -5.43 30.63
N THR A 64 4.68 -5.16 31.78
CA THR A 64 5.16 -4.27 32.86
C THR A 64 5.05 -5.00 34.20
N VAL A 65 6.13 -4.97 35.00
CA VAL A 65 6.15 -5.48 36.41
C VAL A 65 6.44 -4.29 37.33
N ASP A 66 5.51 -3.97 38.23
CA ASP A 66 5.62 -2.84 39.20
C ASP A 66 6.62 -3.24 40.29
N THR A 67 7.58 -2.34 40.59
CA THR A 67 8.58 -2.49 41.67
C THR A 67 8.48 -1.29 42.60
N PRO A 68 8.93 -1.39 43.86
CA PRO A 68 8.98 -0.24 44.77
C PRO A 68 9.56 1.05 44.17
N GLY A 69 10.47 0.93 43.20
CA GLY A 69 11.19 2.08 42.59
C GLY A 69 10.53 2.58 41.31
N GLY A 70 9.44 1.95 40.86
CA GLY A 70 8.71 2.32 39.63
C GLY A 70 8.60 1.14 38.67
N PRO A 71 7.91 1.29 37.52
CA PRO A 71 7.65 0.18 36.61
C PRO A 71 8.88 -0.27 35.80
N VAL A 72 8.97 -1.56 35.51
CA VAL A 72 9.99 -2.18 34.61
C VAL A 72 9.25 -2.80 33.42
N THR A 73 9.25 -2.10 32.28
CA THR A 73 8.50 -2.50 31.05
C THR A 73 9.47 -3.08 30.02
N MET A 74 9.05 -4.13 29.31
CA MET A 74 9.88 -4.85 28.30
C MET A 74 9.08 -5.01 26.98
N SER A 75 9.77 -4.84 25.86
CA SER A 75 9.33 -5.23 24.49
C SER A 75 10.28 -6.31 23.96
N TYR A 76 9.76 -7.53 23.72
CA TYR A 76 10.54 -8.77 23.52
C TYR A 76 10.12 -9.45 22.21
N SER A 77 11.10 -9.77 21.37
CA SER A 77 10.94 -10.48 20.06
C SER A 77 11.91 -11.66 20.02
N GLY A 78 11.40 -12.88 20.28
CA GLY A 78 12.19 -14.12 20.25
C GLY A 78 11.52 -15.26 21.00
N GLU A 79 12.29 -16.31 21.29
CA GLU A 79 11.82 -17.53 22.00
C GLU A 79 12.93 -18.02 22.94
N THR A 80 12.76 -17.81 24.25
CA THR A 80 13.62 -18.39 25.32
C THR A 80 13.17 -19.84 25.54
N TYR A 81 14.03 -20.80 25.19
CA TYR A 81 13.71 -22.25 25.16
C TYR A 81 13.90 -22.89 26.54
N ASN A 82 14.54 -22.16 27.47
CA ASN A 82 14.78 -22.61 28.87
C ASN A 82 13.95 -21.75 29.83
N PHE A 83 12.74 -21.36 29.43
CA PHE A 83 11.85 -20.45 30.21
C PHE A 83 11.16 -21.24 31.35
N VAL A 84 11.00 -22.56 31.20
CA VAL A 84 10.46 -23.46 32.26
C VAL A 84 11.51 -23.62 33.36
N GLU A 85 12.74 -23.99 32.99
CA GLU A 85 13.89 -24.16 33.90
C GLU A 85 14.14 -22.87 34.68
N LEU A 86 14.17 -21.74 33.98
CA LEU A 86 14.44 -20.39 34.56
C LEU A 86 13.32 -19.96 35.50
N ARG A 87 12.06 -20.29 35.17
CA ARG A 87 10.86 -19.99 36.00
C ARG A 87 10.93 -20.77 37.32
N ASP A 88 11.38 -22.03 37.27
CA ASP A 88 11.58 -22.89 38.46
C ASP A 88 12.67 -22.28 39.35
N GLU A 89 13.77 -21.82 38.74
CA GLU A 89 14.89 -21.13 39.43
C GLU A 89 14.39 -19.85 40.09
N LEU A 90 13.50 -19.11 39.40
CA LEU A 90 12.96 -17.80 39.87
C LEU A 90 11.90 -18.00 40.95
N ARG A 91 11.13 -19.09 40.88
CA ARG A 91 10.09 -19.46 41.89
C ARG A 91 10.76 -19.73 43.24
N LYS A 92 11.92 -20.41 43.23
CA LYS A 92 12.73 -20.72 44.44
C LYS A 92 13.27 -19.42 45.04
N ARG A 93 13.49 -18.39 44.22
CA ARG A 93 14.00 -17.05 44.63
C ARG A 93 12.85 -16.12 45.02
N GLY A 94 11.59 -16.56 44.83
CA GLY A 94 10.39 -15.95 45.43
C GLY A 94 9.53 -15.17 44.44
N HIS A 95 9.66 -15.43 43.13
CA HIS A 95 8.90 -14.75 42.05
C HIS A 95 7.55 -15.47 41.84
N THR A 96 6.46 -14.71 41.75
CA THR A 96 5.09 -15.20 41.41
C THR A 96 4.74 -14.78 39.98
N PHE A 97 4.20 -15.70 39.18
CA PHE A 97 3.94 -15.54 37.73
C PHE A 97 2.44 -15.58 37.44
N ARG A 98 1.92 -14.49 36.85
CA ARG A 98 0.49 -14.33 36.47
C ARG A 98 0.22 -15.03 35.13
N THR A 99 1.26 -15.20 34.30
CA THR A 99 1.16 -15.79 32.93
C THR A 99 1.92 -17.12 32.88
N ARG A 100 1.75 -17.85 31.78
CA ARG A 100 2.53 -19.08 31.43
C ARG A 100 3.32 -18.78 30.16
N SER A 101 3.70 -17.51 29.96
CA SER A 101 4.50 -17.00 28.80
C SER A 101 5.98 -16.93 29.18
N ASP A 102 6.87 -17.16 28.22
CA ASP A 102 8.35 -17.03 28.38
C ASP A 102 8.69 -15.56 28.66
N THR A 103 7.88 -14.64 28.10
CA THR A 103 8.04 -13.16 28.23
C THR A 103 8.22 -12.77 29.69
N GLU A 104 7.31 -13.20 30.57
CA GLU A 104 7.33 -12.86 32.02
C GLU A 104 8.61 -13.39 32.67
N VAL A 105 9.05 -14.59 32.28
CA VAL A 105 10.27 -15.27 32.83
C VAL A 105 11.49 -14.40 32.56
N VAL A 106 11.59 -13.84 31.35
CA VAL A 106 12.72 -12.95 30.91
C VAL A 106 12.66 -11.63 31.69
N LEU A 107 11.45 -11.09 31.89
CA LEU A 107 11.22 -9.79 32.59
C LEU A 107 11.51 -9.94 34.08
N ARG A 108 11.00 -10.99 34.72
CA ARG A 108 11.26 -11.29 36.16
C ARG A 108 12.71 -11.79 36.31
N GLY A 109 13.25 -12.38 35.25
CA GLY A 109 14.69 -12.73 35.13
C GLY A 109 15.56 -11.50 35.25
N TYR A 110 15.18 -10.40 34.58
CA TYR A 110 15.86 -9.09 34.64
C TYR A 110 15.72 -8.51 36.06
N LEU A 111 14.54 -8.64 36.66
CA LEU A 111 14.27 -8.20 38.06
C LEU A 111 15.28 -8.87 39.00
N GLU A 112 15.68 -10.11 38.70
CA GLU A 112 16.57 -10.95 39.55
C GLU A 112 18.05 -10.64 39.25
N TRP A 113 18.48 -10.78 37.99
CA TRP A 113 19.91 -10.80 37.58
C TRP A 113 20.31 -9.54 36.81
N GLY A 114 19.38 -8.61 36.57
CA GLY A 114 19.61 -7.43 35.71
C GLY A 114 19.89 -7.85 34.29
N ALA A 115 20.85 -7.18 33.62
CA ALA A 115 21.27 -7.43 32.22
C ALA A 115 21.78 -8.87 32.07
N ALA A 116 22.32 -9.46 33.15
CA ALA A 116 22.97 -10.80 33.17
C ALA A 116 21.99 -11.91 32.78
N ILE A 117 20.68 -11.61 32.73
CA ILE A 117 19.62 -12.52 32.19
C ILE A 117 20.03 -13.01 30.80
N ALA A 118 20.72 -12.16 30.02
CA ALA A 118 21.26 -12.47 28.67
C ALA A 118 22.12 -13.74 28.72
N GLU A 119 22.83 -13.95 29.83
CA GLU A 119 23.81 -15.06 30.02
C GLU A 119 23.10 -16.34 30.48
N ARG A 120 21.81 -16.25 30.87
CA ARG A 120 21.01 -17.39 31.41
C ARG A 120 19.96 -17.84 30.38
N MET A 121 19.53 -16.94 29.48
CA MET A 121 18.60 -17.27 28.36
C MET A 121 19.30 -18.21 27.37
N VAL A 122 18.54 -19.09 26.73
CA VAL A 122 19.01 -20.02 25.66
C VAL A 122 17.98 -20.02 24.53
N GLY A 123 18.34 -19.46 23.37
CA GLY A 123 17.49 -19.42 22.16
C GLY A 123 17.76 -18.19 21.30
N MET A 124 16.70 -17.57 20.78
CA MET A 124 16.76 -16.31 19.97
C MET A 124 15.92 -15.24 20.68
N CYS A 125 16.35 -13.97 20.57
CA CYS A 125 15.73 -12.82 21.28
C CYS A 125 16.30 -11.48 20.76
N ALA A 126 15.44 -10.47 20.63
CA ALA A 126 15.78 -9.03 20.54
C ALA A 126 14.93 -8.28 21.56
N ILE A 127 15.51 -7.96 22.72
CA ILE A 127 14.79 -7.47 23.94
C ILE A 127 15.09 -5.98 24.16
N ALA A 128 14.07 -5.21 24.56
CA ALA A 128 14.16 -3.79 24.97
C ALA A 128 13.48 -3.59 26.32
N ILE A 129 14.27 -3.48 27.39
CA ILE A 129 13.79 -3.29 28.79
C ILE A 129 14.04 -1.83 29.20
N TRP A 130 13.01 -1.14 29.70
CA TRP A 130 13.12 0.19 30.35
C TRP A 130 12.89 0.07 31.86
N ASP A 131 13.93 0.33 32.66
CA ASP A 131 13.92 0.25 34.14
C ASP A 131 13.77 1.67 34.71
N SER A 132 12.57 2.02 35.18
CA SER A 132 12.24 3.35 35.77
C SER A 132 13.01 3.58 37.08
N ARG A 133 13.43 2.51 37.75
CA ARG A 133 14.21 2.56 39.02
C ARG A 133 15.53 3.31 38.78
N TYR A 134 16.19 3.03 37.64
CA TYR A 134 17.52 3.61 37.27
C TYR A 134 17.38 4.57 36.07
N GLU A 135 16.16 4.78 35.57
CA GLU A 135 15.87 5.56 34.33
C GLU A 135 16.85 5.12 33.24
N ARG A 136 16.92 3.80 33.00
CA ARG A 136 17.93 3.17 32.11
C ARG A 136 17.27 2.14 31.18
N LEU A 137 17.54 2.27 29.88
CA LEU A 137 17.13 1.29 28.83
C LEU A 137 18.21 0.21 28.73
N THR A 138 17.79 -1.05 28.57
CA THR A 138 18.67 -2.23 28.28
C THR A 138 18.19 -2.89 26.98
N LEU A 139 19.09 -3.06 26.00
CA LEU A 139 18.83 -3.76 24.71
C LEU A 139 19.68 -5.03 24.66
N ILE A 140 19.04 -6.21 24.59
CA ILE A 140 19.72 -7.54 24.56
C ILE A 140 19.40 -8.22 23.22
N ARG A 141 20.44 -8.61 22.47
CA ARG A 141 20.33 -9.46 21.26
C ARG A 141 20.95 -10.84 21.55
N ASP A 142 20.36 -11.91 21.01
CA ASP A 142 20.80 -13.31 21.24
C ASP A 142 22.23 -13.49 20.70
N ARG A 143 22.88 -14.59 21.10
CA ARG A 143 24.34 -14.82 20.97
C ARG A 143 24.75 -14.93 19.49
N MET A 144 23.97 -15.63 18.66
CA MET A 144 24.32 -15.96 17.26
C MET A 144 23.84 -14.86 16.30
N GLY A 145 22.78 -14.14 16.66
CA GLY A 145 22.23 -13.01 15.89
C GLY A 145 21.05 -13.43 15.03
N THR A 146 20.18 -14.29 15.57
CA THR A 146 18.99 -14.84 14.90
C THR A 146 17.89 -13.78 14.80
N LYS A 147 17.70 -12.99 15.88
CA LYS A 147 16.67 -11.92 15.96
C LYS A 147 17.35 -10.56 15.84
N PRO A 148 16.89 -9.66 14.95
CA PRO A 148 17.56 -8.39 14.69
C PRO A 148 17.21 -7.29 15.70
N MET A 149 18.13 -6.35 15.90
CA MET A 149 17.90 -5.09 16.66
C MET A 149 18.80 -4.00 16.08
N HIS A 150 18.21 -2.85 15.73
CA HIS A 150 18.91 -1.64 15.26
C HIS A 150 18.72 -0.54 16.31
N TYR A 151 19.60 0.46 16.32
CA TYR A 151 19.52 1.65 17.19
C TYR A 151 20.07 2.87 16.44
N TYR A 152 19.62 4.06 16.86
CA TYR A 152 19.90 5.37 16.22
C TYR A 152 20.02 6.43 17.31
N ARG A 153 21.23 6.96 17.52
CA ARG A 153 21.53 8.00 18.53
C ARG A 153 20.79 9.29 18.16
N THR A 154 20.16 9.93 19.15
CA THR A 154 19.56 11.27 19.07
C THR A 154 20.20 12.14 20.16
N LYS A 155 19.98 13.45 20.13
CA LYS A 155 20.49 14.40 21.17
C LYS A 155 19.88 13.99 22.52
N ASP A 156 20.71 13.51 23.45
CA ASP A 156 20.30 13.05 24.80
C ASP A 156 19.12 12.06 24.69
N GLY A 157 19.24 11.07 23.80
CA GLY A 157 18.18 10.08 23.53
C GLY A 157 18.62 9.00 22.56
N LEU A 158 17.75 8.00 22.34
CA LEU A 158 18.01 6.81 21.48
C LEU A 158 16.69 6.33 20.85
N LEU A 159 16.74 5.95 19.58
CA LEU A 159 15.64 5.28 18.83
C LEU A 159 16.10 3.85 18.49
N PHE A 160 15.23 2.85 18.68
CA PHE A 160 15.52 1.41 18.43
C PHE A 160 14.32 0.73 17.77
N GLY A 161 14.60 -0.36 17.05
CA GLY A 161 13.58 -1.20 16.37
C GLY A 161 14.19 -2.46 15.77
N SER A 162 13.39 -3.51 15.63
CA SER A 162 13.77 -4.82 15.02
C SER A 162 14.24 -4.59 13.56
N GLU A 163 13.55 -3.72 12.83
CA GLU A 163 13.83 -3.40 11.40
C GLU A 163 14.05 -1.90 11.25
N PRO A 164 14.97 -1.47 10.36
CA PRO A 164 15.26 -0.04 10.15
C PRO A 164 14.01 0.84 9.95
N LYS A 165 12.99 0.32 9.27
CA LYS A 165 11.71 1.02 8.97
C LYS A 165 11.07 1.58 10.24
N ALA A 166 11.28 0.91 11.38
CA ALA A 166 10.77 1.32 12.71
C ALA A 166 11.39 2.66 13.11
N ILE A 167 12.72 2.80 12.95
CA ILE A 167 13.49 4.03 13.27
C ILE A 167 13.20 5.09 12.19
N LEU A 168 13.24 4.70 10.92
CA LEU A 168 13.00 5.59 9.74
C LEU A 168 11.62 6.26 9.85
N ALA A 169 10.64 5.56 10.43
CA ALA A 169 9.23 6.02 10.59
C ALA A 169 9.14 7.22 11.54
N HIS A 170 10.20 7.49 12.32
CA HIS A 170 10.29 8.65 13.24
C HIS A 170 10.50 9.93 12.44
N PRO A 171 9.76 11.03 12.74
CA PRO A 171 9.84 12.25 11.94
C PRO A 171 11.15 13.06 12.08
N ASP A 172 11.97 12.76 13.09
CA ASP A 172 13.27 13.44 13.35
C ASP A 172 14.42 12.65 12.68
N VAL A 173 14.10 11.56 11.98
CA VAL A 173 15.09 10.71 11.23
C VAL A 173 14.85 10.91 9.73
N LYS A 174 15.82 11.53 9.04
CA LYS A 174 15.85 11.62 7.55
C LYS A 174 16.47 10.34 6.99
N PRO A 175 15.91 9.77 5.90
CA PRO A 175 16.46 8.55 5.31
C PRO A 175 17.74 8.85 4.50
N VAL A 176 18.87 8.94 5.21
CA VAL A 176 20.20 9.32 4.65
C VAL A 176 21.05 8.04 4.51
N VAL A 177 21.80 7.93 3.41
CA VAL A 177 22.77 6.83 3.16
C VAL A 177 24.08 7.47 2.69
N ASP A 178 25.11 7.45 3.54
CA ASP A 178 26.48 7.96 3.24
C ASP A 178 27.23 6.92 2.41
N MET A 179 28.49 7.19 2.07
CA MET A 179 29.34 6.30 1.22
C MET A 179 29.71 5.02 1.99
N GLU A 180 29.89 5.12 3.32
CA GLU A 180 30.11 3.95 4.22
C GLU A 180 28.88 3.04 4.16
N GLY A 181 27.69 3.63 3.98
CA GLY A 181 26.40 2.91 3.82
C GLY A 181 26.34 2.11 2.54
N MET A 182 26.66 2.75 1.41
CA MET A 182 26.63 2.14 0.05
C MET A 182 27.65 1.00 -0.02
N ARG A 183 28.82 1.18 0.62
CA ARG A 183 29.92 0.17 0.67
C ARG A 183 29.42 -1.12 1.31
N GLN A 184 28.64 -1.00 2.40
CA GLN A 184 28.00 -2.15 3.10
C GLN A 184 26.87 -2.69 2.23
N LEU A 185 26.14 -1.82 1.53
CA LEU A 185 25.02 -2.20 0.63
C LEU A 185 25.56 -3.00 -0.56
N PHE A 186 26.72 -2.61 -1.09
CA PHE A 186 27.39 -3.28 -2.25
C PHE A 186 28.44 -4.27 -1.75
N SER A 187 28.53 -4.47 -0.43
CA SER A 187 29.26 -5.59 0.21
C SER A 187 28.55 -6.91 -0.13
N PHE A 188 29.25 -8.03 0.03
CA PHE A 188 28.79 -9.39 -0.38
C PHE A 188 28.92 -10.34 0.82
N PHE A 189 27.84 -10.45 1.60
CA PHE A 189 27.63 -11.41 2.71
C PHE A 189 28.64 -11.18 3.85
N THR A 190 28.83 -9.92 4.25
CA THR A 190 29.73 -9.51 5.37
C THR A 190 28.94 -8.71 6.41
N SER A 191 29.14 -9.02 7.69
CA SER A 191 28.51 -8.35 8.86
C SER A 191 29.21 -7.01 9.13
N SER A 192 28.44 -6.03 9.63
CA SER A 192 28.91 -4.67 9.98
C SER A 192 27.95 -4.06 11.01
N GLU A 193 28.45 -3.20 11.89
CA GLU A 193 27.61 -2.36 12.79
C GLU A 193 26.82 -1.38 11.92
N ASN A 194 27.46 -0.85 10.87
CA ASN A 194 26.84 0.05 9.86
C ASN A 194 25.62 -0.65 9.24
N ALA A 195 24.44 -0.04 9.37
CA ALA A 195 23.14 -0.57 8.91
C ALA A 195 22.75 0.08 7.58
N VAL A 196 23.73 0.51 6.78
CA VAL A 196 23.56 1.21 5.47
C VAL A 196 23.01 2.62 5.72
N TRP A 197 21.84 2.73 6.37
CA TRP A 197 21.24 4.02 6.81
C TRP A 197 22.21 4.77 7.71
N ALA A 198 22.47 6.05 7.41
CA ALA A 198 23.47 6.90 8.10
C ALA A 198 23.08 7.07 9.57
N ASP A 199 24.06 6.91 10.47
CA ASP A 199 23.94 7.10 11.94
C ASP A 199 23.07 6.00 12.58
N MET A 200 22.60 5.03 11.79
CA MET A 200 21.83 3.86 12.29
C MET A 200 22.75 2.63 12.33
N LYS A 201 22.70 1.88 13.43
CA LYS A 201 23.65 0.76 13.71
C LYS A 201 22.87 -0.55 13.88
N VAL A 202 23.57 -1.67 13.73
CA VAL A 202 23.06 -3.06 13.94
C VAL A 202 23.72 -3.60 15.22
N MET A 203 22.92 -4.05 16.18
CA MET A 203 23.40 -4.64 17.46
C MET A 203 24.27 -5.87 17.14
N THR A 204 25.48 -5.93 17.71
CA THR A 204 26.39 -7.11 17.62
C THR A 204 25.75 -8.27 18.38
N PRO A 205 25.67 -9.47 17.79
CA PRO A 205 25.16 -10.64 18.51
C PRO A 205 25.89 -10.88 19.84
N GLY A 206 25.15 -11.26 20.88
CA GLY A 206 25.68 -11.61 22.20
C GLY A 206 26.23 -10.40 22.93
N THR A 207 25.63 -9.23 22.73
CA THR A 207 25.95 -7.97 23.47
C THR A 207 24.69 -7.41 24.12
N VAL A 208 24.86 -6.63 25.19
CA VAL A 208 23.79 -5.86 25.90
C VAL A 208 24.16 -4.37 25.83
N ILE A 209 23.34 -3.57 25.16
CA ILE A 209 23.46 -2.08 25.12
C ILE A 209 22.62 -1.49 26.26
N GLU A 210 23.26 -0.77 27.18
CA GLU A 210 22.60 0.03 28.25
C GLU A 210 22.61 1.50 27.80
N PHE A 211 21.54 2.24 28.10
CA PHE A 211 21.40 3.68 27.77
C PHE A 211 20.65 4.42 28.90
N ASP A 212 21.27 5.49 29.40
CA ASP A 212 20.74 6.37 30.47
C ASP A 212 21.19 7.81 30.19
N ARG A 213 21.24 8.68 31.20
CA ARG A 213 21.63 10.10 31.08
C ARG A 213 23.14 10.23 30.83
N ASN A 214 23.93 9.24 31.28
CA ASN A 214 25.41 9.26 31.22
C ASN A 214 25.90 8.96 29.81
N GLY A 215 25.09 8.26 29.00
CA GLY A 215 25.38 7.95 27.59
C GLY A 215 24.94 6.55 27.21
N LEU A 216 25.63 5.94 26.24
CA LEU A 216 25.37 4.55 25.74
C LEU A 216 26.57 3.67 26.07
N ARG A 217 26.32 2.47 26.62
CA ARG A 217 27.34 1.47 27.02
C ARG A 217 27.01 0.15 26.33
N GLU A 218 28.04 -0.59 25.90
CA GLU A 218 27.91 -1.90 25.21
C GLU A 218 28.83 -2.90 25.92
N HIS A 219 28.29 -4.08 26.28
CA HIS A 219 29.05 -5.18 26.94
C HIS A 219 28.80 -6.50 26.19
N THR A 220 29.86 -7.25 25.92
CA THR A 220 29.84 -8.58 25.24
C THR A 220 29.70 -9.67 26.31
N TYR A 221 28.49 -10.22 26.47
CA TYR A 221 28.17 -11.26 27.48
C TYR A 221 28.53 -12.65 26.95
N TRP A 222 28.77 -12.78 25.64
CA TRP A 222 29.20 -14.06 25.02
C TRP A 222 29.85 -13.82 23.66
N GLN A 223 30.96 -14.53 23.40
CA GLN A 223 31.64 -14.66 22.09
C GLN A 223 32.39 -16.00 22.06
N LEU A 224 32.65 -16.53 20.86
CA LEU A 224 33.39 -17.81 20.63
C LEU A 224 34.77 -17.71 21.28
N SER A 225 35.14 -18.69 22.11
CA SER A 225 36.45 -18.78 22.81
C SER A 225 37.21 -20.02 22.31
N ALA A 226 38.54 -19.94 22.30
CA ALA A 226 39.46 -21.08 22.03
C ALA A 226 39.66 -21.88 23.32
N GLU A 227 39.21 -23.15 23.32
CA GLU A 227 39.26 -24.07 24.49
C GLU A 227 39.77 -25.44 24.02
N GLU A 228 40.45 -26.17 24.90
CA GLU A 228 41.02 -27.52 24.61
C GLU A 228 39.85 -28.50 24.41
N HIS A 229 39.93 -29.33 23.36
CA HIS A 229 38.94 -30.40 23.04
C HIS A 229 39.52 -31.76 23.45
N THR A 230 38.97 -32.36 24.50
CA THR A 230 39.46 -33.62 25.14
C THR A 230 38.68 -34.84 24.63
N ASP A 231 37.45 -34.64 24.15
CA ASP A 231 36.53 -35.71 23.68
C ASP A 231 37.08 -36.34 22.40
N ASP A 232 37.07 -37.67 22.32
CA ASP A 232 37.49 -38.45 21.12
C ASP A 232 36.35 -38.45 20.09
N LEU A 233 36.62 -38.95 18.88
CA LEU A 233 35.70 -38.91 17.72
C LEU A 233 34.32 -39.46 18.12
N ASP A 234 34.29 -40.65 18.72
CA ASP A 234 33.04 -41.37 19.13
C ASP A 234 32.20 -40.48 20.06
N THR A 235 32.83 -39.91 21.10
CA THR A 235 32.18 -39.03 22.11
C THR A 235 31.75 -37.72 21.45
N THR A 236 32.57 -37.17 20.54
CA THR A 236 32.30 -35.90 19.80
C THR A 236 31.06 -36.08 18.92
N VAL A 237 30.93 -37.22 18.23
CA VAL A 237 29.74 -37.58 17.40
C VAL A 237 28.52 -37.73 18.30
N ALA A 238 28.67 -38.45 19.42
CA ALA A 238 27.61 -38.73 20.42
C ALA A 238 27.08 -37.41 21.00
N ARG A 239 28.00 -36.50 21.37
CA ARG A 239 27.67 -35.19 22.01
C ARG A 239 26.90 -34.30 21.02
N VAL A 240 27.32 -34.27 19.75
CA VAL A 240 26.66 -33.46 18.67
C VAL A 240 25.19 -33.89 18.56
N ARG A 241 24.92 -35.19 18.47
CA ARG A 241 23.55 -35.77 18.44
C ARG A 241 22.77 -35.26 19.65
N GLN A 242 23.32 -35.45 20.85
CA GLN A 242 22.72 -35.04 22.15
C GLN A 242 22.29 -33.57 22.09
N MET A 243 23.16 -32.70 21.59
CA MET A 243 22.94 -31.22 21.54
C MET A 243 21.87 -30.90 20.48
N VAL A 244 22.04 -31.41 19.25
CA VAL A 244 21.07 -31.20 18.12
C VAL A 244 19.69 -31.69 18.58
N GLU A 245 19.63 -32.90 19.16
CA GLU A 245 18.37 -33.53 19.65
C GLU A 245 17.72 -32.64 20.71
N ASP A 246 18.48 -32.28 21.76
CA ASP A 246 18.01 -31.43 22.89
C ASP A 246 17.41 -30.13 22.34
N ASN A 247 18.13 -29.47 21.43
CA ASN A 247 17.72 -28.20 20.75
C ASN A 247 16.38 -28.40 20.05
N VAL A 248 16.28 -29.41 19.17
CA VAL A 248 15.07 -29.75 18.38
C VAL A 248 13.89 -29.91 19.35
N ARG A 249 14.02 -30.80 20.35
CA ARG A 249 12.98 -31.11 21.36
C ARG A 249 12.43 -29.82 21.98
N HIS A 250 13.33 -28.95 22.47
CA HIS A 250 12.98 -27.70 23.21
C HIS A 250 12.28 -26.70 22.28
N GLU A 251 12.66 -26.67 20.99
CA GLU A 251 12.19 -25.66 20.00
C GLU A 251 10.87 -26.10 19.34
N LEU A 252 10.42 -27.33 19.60
CA LEU A 252 9.11 -27.85 19.10
C LEU A 252 7.96 -27.31 19.96
N VAL A 253 8.27 -26.79 21.16
CA VAL A 253 7.28 -26.29 22.15
C VAL A 253 6.61 -25.01 21.61
N ALA A 254 5.29 -25.05 21.43
CA ALA A 254 4.46 -23.91 20.96
C ALA A 254 2.97 -24.20 21.21
N ASP A 255 2.16 -23.15 21.33
CA ASP A 255 0.68 -23.23 21.55
C ASP A 255 -0.05 -23.06 20.21
N VAL A 256 0.66 -23.19 19.08
CA VAL A 256 0.14 -22.96 17.71
C VAL A 256 0.66 -24.08 16.80
N PRO A 257 0.06 -24.27 15.59
CA PRO A 257 0.56 -25.28 14.65
C PRO A 257 2.02 -25.02 14.22
N LEU A 258 2.83 -26.07 14.20
CA LEU A 258 4.30 -26.02 13.93
C LEU A 258 4.61 -26.94 12.74
N GLY A 259 5.53 -26.51 11.85
CA GLY A 259 5.95 -27.24 10.65
C GLY A 259 7.46 -27.41 10.58
N LEU A 260 7.94 -28.01 9.49
CA LEU A 260 9.39 -28.26 9.21
C LEU A 260 9.70 -27.85 7.76
N LEU A 261 10.92 -27.39 7.49
CA LEU A 261 11.40 -27.01 6.14
C LEU A 261 12.38 -28.08 5.63
N LEU A 262 11.90 -28.94 4.73
CA LEU A 262 12.67 -30.08 4.15
C LEU A 262 13.13 -29.73 2.74
N SER A 263 14.44 -29.55 2.55
CA SER A 263 15.10 -29.23 1.25
C SER A 263 15.79 -30.48 0.68
N GLY A 264 15.77 -31.59 1.41
CA GLY A 264 16.39 -32.87 0.99
C GLY A 264 17.81 -33.03 1.51
N GLY A 265 18.52 -31.91 1.72
CA GLY A 265 19.91 -31.88 2.24
C GLY A 265 20.01 -32.53 3.62
N LEU A 266 21.21 -32.97 4.00
CA LEU A 266 21.51 -33.67 5.28
C LEU A 266 21.06 -32.79 6.46
N ASP A 267 21.07 -31.46 6.29
CA ASP A 267 20.73 -30.46 7.34
C ASP A 267 19.24 -30.57 7.68
N SER A 268 18.36 -30.30 6.71
CA SER A 268 16.88 -30.27 6.85
C SER A 268 16.36 -31.66 7.24
N SER A 269 16.88 -32.71 6.59
CA SER A 269 16.49 -34.13 6.80
C SER A 269 16.82 -34.57 8.23
N ALA A 270 17.92 -34.07 8.80
CA ALA A 270 18.39 -34.37 10.18
C ALA A 270 17.40 -33.77 11.19
N LEU A 271 17.04 -32.50 11.01
CA LEU A 271 16.07 -31.76 11.86
C LEU A 271 14.69 -32.41 11.76
N ALA A 272 14.29 -32.81 10.55
CA ALA A 272 12.97 -33.41 10.24
C ALA A 272 12.83 -34.78 10.93
N GLY A 273 13.85 -35.64 10.81
CA GLY A 273 13.88 -36.99 11.38
C GLY A 273 13.85 -36.98 12.90
N ILE A 274 14.65 -36.10 13.51
CA ILE A 274 14.75 -35.91 14.99
C ILE A 274 13.45 -35.29 15.51
N ALA A 275 12.88 -34.32 14.77
CA ALA A 275 11.62 -33.63 15.12
C ALA A 275 10.44 -34.59 15.04
N SER A 276 10.36 -35.38 13.96
CA SER A 276 9.31 -36.41 13.72
C SER A 276 9.23 -37.36 14.92
N ARG A 277 10.37 -37.83 15.42
CA ARG A 277 10.48 -38.78 16.57
C ARG A 277 9.94 -38.11 17.84
N HIS A 278 10.18 -36.81 18.01
CA HIS A 278 9.80 -36.02 19.22
C HIS A 278 8.36 -35.52 19.12
N LEU A 279 7.84 -35.30 17.90
CA LEU A 279 6.44 -34.88 17.67
C LEU A 279 5.51 -36.10 17.85
N THR A 280 5.99 -37.29 17.48
CA THR A 280 5.29 -38.59 17.68
C THR A 280 4.93 -38.75 19.17
N ALA A 281 5.76 -38.18 20.06
CA ALA A 281 5.60 -38.21 21.53
C ALA A 281 4.34 -37.43 21.98
N LYS A 282 3.62 -36.80 21.05
CA LYS A 282 2.29 -36.17 21.28
C LYS A 282 1.31 -36.59 20.16
N GLY A 283 1.55 -37.74 19.53
CA GLY A 283 0.80 -38.25 18.36
C GLY A 283 0.70 -37.23 17.24
N GLU A 284 1.55 -36.20 17.25
CA GLU A 284 1.50 -35.05 16.32
C GLU A 284 2.14 -35.49 14.99
N ARG A 285 1.34 -35.55 13.92
CA ARG A 285 1.83 -35.85 12.55
C ARG A 285 2.62 -34.63 12.06
N ALA A 286 3.93 -34.80 11.86
CA ALA A 286 4.87 -33.76 11.38
C ALA A 286 4.35 -33.17 10.07
N ARG A 287 4.56 -31.87 9.85
CA ARG A 287 4.13 -31.13 8.64
C ARG A 287 5.36 -30.55 7.94
N THR A 288 5.86 -31.23 6.91
CA THR A 288 7.04 -30.82 6.10
C THR A 288 6.59 -29.94 4.93
N PHE A 289 7.49 -29.09 4.43
CA PHE A 289 7.26 -28.16 3.30
C PHE A 289 8.54 -28.05 2.46
N SER A 290 8.43 -28.29 1.15
CA SER A 290 9.54 -28.21 0.16
C SER A 290 9.20 -27.18 -0.92
N VAL A 291 10.23 -26.49 -1.46
CA VAL A 291 10.11 -25.49 -2.56
C VAL A 291 10.25 -26.22 -3.90
N PRO A 312 13.65 -33.85 -4.63
CA PRO A 312 13.96 -35.25 -4.98
C PRO A 312 14.14 -36.11 -3.71
N TYR A 313 15.15 -35.79 -2.90
CA TYR A 313 15.47 -36.46 -1.62
C TYR A 313 14.50 -35.98 -0.53
N ALA A 314 13.86 -34.83 -0.75
CA ALA A 314 12.89 -34.18 0.16
C ALA A 314 11.62 -35.04 0.28
N LYS A 315 11.05 -35.44 -0.85
CA LYS A 315 9.82 -36.27 -0.94
C LYS A 315 10.07 -37.65 -0.32
N GLU A 316 11.29 -38.19 -0.50
CA GLU A 316 11.71 -39.51 0.04
C GLU A 316 11.67 -39.49 1.57
N MET A 317 12.23 -38.44 2.18
CA MET A 317 12.35 -38.29 3.66
C MET A 317 10.97 -38.09 4.29
N ALA A 318 10.02 -37.52 3.52
CA ALA A 318 8.62 -37.27 3.95
C ALA A 318 7.91 -38.59 4.25
N ALA A 319 8.05 -39.57 3.34
CA ALA A 319 7.48 -40.93 3.46
C ALA A 319 8.16 -41.69 4.61
N HIS A 320 9.46 -41.43 4.85
CA HIS A 320 10.26 -42.06 5.92
C HIS A 320 9.75 -41.62 7.29
N ILE A 321 9.48 -40.32 7.45
CA ILE A 321 8.94 -39.71 8.70
C ILE A 321 7.43 -39.97 8.78
N GLY A 322 6.77 -40.13 7.63
CA GLY A 322 5.30 -40.32 7.53
C GLY A 322 4.57 -39.02 7.80
N SER A 323 5.05 -37.93 7.19
CA SER A 323 4.62 -36.53 7.45
C SER A 323 3.57 -36.08 6.43
N GLU A 324 2.78 -35.06 6.80
CA GLU A 324 1.82 -34.37 5.91
C GLU A 324 2.62 -33.42 5.00
N HIS A 325 3.22 -33.96 3.93
CA HIS A 325 4.14 -33.23 3.02
C HIS A 325 3.35 -32.22 2.17
N HIS A 326 4.01 -31.14 1.74
CA HIS A 326 3.45 -30.07 0.88
C HIS A 326 4.52 -29.63 -0.14
N ASP A 327 4.27 -29.87 -1.43
CA ASP A 327 5.17 -29.50 -2.54
C ASP A 327 4.75 -28.15 -3.12
N ILE A 328 5.42 -27.07 -2.69
CA ILE A 328 5.17 -25.67 -3.14
C ILE A 328 5.89 -25.47 -4.49
N VAL A 329 5.12 -25.32 -5.57
CA VAL A 329 5.65 -25.15 -6.97
C VAL A 329 5.74 -23.66 -7.29
N LEU A 330 6.92 -23.20 -7.75
CA LEU A 330 7.21 -21.79 -8.11
C LEU A 330 7.63 -21.73 -9.58
N ASP A 331 6.85 -21.01 -10.41
CA ASP A 331 7.16 -20.72 -11.83
C ASP A 331 8.02 -19.46 -11.91
N HIS A 332 8.87 -19.36 -12.94
CA HIS A 332 9.73 -18.18 -13.24
C HIS A 332 8.89 -16.90 -13.21
N ARG A 333 7.64 -16.98 -13.69
CA ARG A 333 6.65 -15.87 -13.71
C ARG A 333 6.42 -15.36 -12.29
N ARG A 334 6.28 -16.28 -11.33
CA ARG A 334 6.00 -15.97 -9.90
C ARG A 334 7.24 -15.34 -9.27
N LEU A 335 8.43 -15.86 -9.58
CA LEU A 335 9.73 -15.37 -9.05
C LEU A 335 10.10 -14.01 -9.65
N SER A 336 9.62 -13.72 -10.87
CA SER A 336 9.95 -12.50 -11.66
C SER A 336 8.96 -11.36 -11.35
N ASP A 337 7.74 -11.69 -10.89
CA ASP A 337 6.65 -10.73 -10.55
C ASP A 337 7.26 -9.48 -9.91
N PRO A 338 7.06 -8.27 -10.47
CA PRO A 338 7.62 -7.05 -9.88
C PRO A 338 7.04 -6.78 -8.49
N ASP A 339 5.77 -7.16 -8.26
CA ASP A 339 5.05 -7.00 -6.97
C ASP A 339 5.79 -7.77 -5.86
N LEU A 340 6.36 -8.93 -6.19
CA LEU A 340 7.15 -9.76 -5.24
C LEU A 340 8.41 -8.97 -4.82
N ARG A 341 9.15 -8.44 -5.80
CA ARG A 341 10.39 -7.63 -5.59
C ARG A 341 10.09 -6.41 -4.73
N ARG A 342 8.90 -5.81 -4.85
CA ARG A 342 8.44 -4.67 -4.01
C ARG A 342 8.32 -5.15 -2.56
N SER A 343 7.58 -6.25 -2.34
CA SER A 343 7.38 -6.89 -1.02
C SER A 343 8.73 -7.27 -0.40
N VAL A 344 9.63 -7.86 -1.19
CA VAL A 344 10.97 -8.36 -0.76
C VAL A 344 11.81 -7.16 -0.29
N VAL A 345 11.92 -6.11 -1.11
CA VAL A 345 12.75 -4.91 -0.83
C VAL A 345 12.15 -4.16 0.38
N ALA A 346 10.82 -4.07 0.45
CA ALA A 346 10.07 -3.42 1.55
C ALA A 346 10.41 -4.08 2.89
N ALA A 347 10.46 -5.42 2.91
CA ALA A 347 10.78 -6.24 4.11
C ALA A 347 12.23 -5.97 4.53
N TRP A 348 13.16 -6.04 3.57
CA TRP A 348 14.62 -5.86 3.76
C TRP A 348 14.94 -4.40 4.10
N ASP A 349 14.15 -3.46 3.59
CA ASP A 349 14.33 -1.98 3.72
C ASP A 349 15.50 -1.51 2.85
N LEU A 350 16.16 -2.42 2.12
CA LEU A 350 17.40 -2.13 1.36
C LEU A 350 17.43 -2.97 0.08
N PRO A 351 18.01 -2.46 -1.02
CA PRO A 351 18.15 -3.23 -2.26
C PRO A 351 19.44 -4.07 -2.29
N TRP A 352 19.34 -5.33 -1.86
CA TRP A 352 20.48 -6.29 -1.78
C TRP A 352 20.73 -6.94 -3.14
N GLY A 353 19.71 -7.01 -4.00
CA GLY A 353 19.80 -7.63 -5.34
C GLY A 353 20.14 -9.10 -5.25
N MET A 354 19.25 -9.89 -4.65
CA MET A 354 19.32 -11.36 -4.54
C MET A 354 17.93 -11.94 -4.78
N GLY A 355 17.16 -11.32 -5.69
CA GLY A 355 15.73 -11.59 -5.93
C GLY A 355 15.43 -13.08 -6.00
N ASP A 356 16.28 -13.85 -6.68
CA ASP A 356 16.12 -15.32 -6.90
C ASP A 356 15.99 -16.02 -5.54
N ILE A 357 16.98 -15.84 -4.65
CA ILE A 357 17.10 -16.57 -3.36
C ILE A 357 16.35 -15.84 -2.24
N ASN A 358 15.79 -14.65 -2.52
CA ASN A 358 14.98 -13.85 -1.56
C ASN A 358 13.49 -14.06 -1.83
N GLY A 359 13.08 -13.92 -3.09
CA GLY A 359 11.69 -14.13 -3.55
C GLY A 359 11.25 -15.58 -3.36
N SER A 360 12.16 -16.52 -3.58
CA SER A 360 11.95 -17.98 -3.44
C SER A 360 11.49 -18.30 -2.02
N MET A 361 12.24 -17.86 -1.01
CA MET A 361 11.98 -18.19 0.41
C MET A 361 10.84 -17.30 0.95
N TYR A 362 10.55 -16.16 0.31
CA TYR A 362 9.34 -15.34 0.63
C TYR A 362 8.09 -16.14 0.27
N LEU A 363 7.98 -16.57 -0.99
CA LEU A 363 6.85 -17.39 -1.52
C LEU A 363 6.79 -18.73 -0.76
N LEU A 364 7.96 -19.29 -0.40
CA LEU A 364 8.08 -20.53 0.40
C LEU A 364 7.44 -20.32 1.77
N PHE A 365 7.85 -19.27 2.50
CA PHE A 365 7.35 -18.93 3.86
C PHE A 365 5.88 -18.49 3.79
N LYS A 366 5.46 -17.83 2.71
CA LYS A 366 4.06 -17.37 2.51
C LYS A 366 3.14 -18.59 2.42
N ALA A 367 3.55 -19.61 1.67
CA ALA A 367 2.83 -20.90 1.50
C ALA A 367 2.82 -21.66 2.83
N VAL A 368 3.94 -21.65 3.55
CA VAL A 368 4.13 -22.33 4.87
C VAL A 368 3.21 -21.68 5.91
N ARG A 369 2.99 -20.37 5.81
CA ARG A 369 2.19 -19.57 6.78
C ARG A 369 0.70 -19.96 6.69
N GLU A 370 0.23 -20.32 5.50
CA GLU A 370 -1.19 -20.72 5.26
C GLU A 370 -1.56 -21.92 6.15
N HIS A 371 -0.58 -22.80 6.44
CA HIS A 371 -0.77 -24.05 7.23
C HIS A 371 -0.31 -23.83 8.68
N VAL A 372 0.97 -23.47 8.89
CA VAL A 372 1.61 -23.38 10.24
C VAL A 372 2.04 -21.93 10.53
N THR A 373 2.16 -21.60 11.82
CA THR A 373 2.59 -20.26 12.33
C THR A 373 4.06 -20.31 12.74
N VAL A 374 4.55 -21.48 13.19
CA VAL A 374 5.98 -21.73 13.53
C VAL A 374 6.54 -22.70 12.47
N ALA A 375 7.85 -22.58 12.17
CA ALA A 375 8.60 -23.47 11.26
C ALA A 375 10.02 -23.68 11.80
N LEU A 376 10.53 -24.91 11.72
CA LEU A 376 11.95 -25.26 12.02
C LEU A 376 12.75 -25.31 10.71
N SER A 377 13.95 -24.74 10.72
CA SER A 377 14.91 -24.71 9.58
C SER A 377 16.29 -25.17 10.06
N GLY A 378 17.10 -25.74 9.17
CA GLY A 378 18.46 -26.21 9.47
C GLY A 378 19.54 -25.26 8.98
N GLU A 379 19.25 -23.95 8.95
CA GLU A 379 19.98 -22.93 8.15
C GLU A 379 21.45 -22.83 8.57
N ALA A 380 21.74 -22.81 9.87
CA ALA A 380 23.10 -22.55 10.41
C ALA A 380 24.00 -23.78 10.27
N ALA A 381 23.43 -24.95 9.93
CA ALA A 381 24.14 -26.25 9.89
C ALA A 381 25.46 -26.11 9.11
N ASP A 382 25.38 -25.69 7.84
CA ASP A 382 26.55 -25.55 6.92
C ASP A 382 27.64 -24.68 7.57
N GLU A 383 27.26 -23.67 8.36
CA GLU A 383 28.20 -22.69 8.96
C GLU A 383 28.88 -23.29 10.20
N ILE A 384 28.20 -24.19 10.94
CA ILE A 384 28.72 -24.80 12.19
C ILE A 384 29.42 -26.14 11.88
N PHE A 385 28.99 -26.84 10.83
CA PHE A 385 29.51 -28.18 10.43
C PHE A 385 30.45 -28.07 9.22
N ALA A 386 30.95 -26.86 8.94
CA ALA A 386 31.97 -26.57 7.90
C ALA A 386 31.53 -27.17 6.55
N GLY A 387 30.26 -26.96 6.19
CA GLY A 387 29.59 -27.62 5.05
C GLY A 387 29.98 -27.04 3.70
N HIS A 388 29.91 -25.71 3.57
CA HIS A 388 30.16 -24.94 2.31
C HIS A 388 31.50 -25.34 1.68
N VAL A 389 31.64 -25.13 0.37
CA VAL A 389 32.85 -25.47 -0.43
C VAL A 389 34.03 -24.59 0.02
N TRP A 390 33.76 -23.36 0.49
CA TRP A 390 34.80 -22.41 0.95
C TRP A 390 35.34 -22.83 2.32
N HIS A 391 34.66 -23.73 3.04
CA HIS A 391 35.16 -24.43 4.26
C HIS A 391 36.18 -25.50 3.86
N GLN A 392 36.02 -26.10 2.68
CA GLN A 392 36.75 -27.32 2.22
C GLN A 392 37.97 -26.94 1.37
N SER A 393 37.82 -25.96 0.48
CA SER A 393 38.87 -25.51 -0.47
C SER A 393 40.02 -24.84 0.28
N LYS A 394 41.25 -25.29 0.04
CA LYS A 394 42.50 -24.74 0.67
C LYS A 394 42.69 -23.30 0.21
N ALA A 395 42.59 -23.05 -1.10
CA ALA A 395 42.71 -21.73 -1.75
C ALA A 395 41.92 -20.67 -0.98
N ALA A 396 40.69 -21.02 -0.57
CA ALA A 396 39.72 -20.12 0.12
C ALA A 396 40.17 -19.87 1.57
N ARG A 397 40.55 -20.93 2.29
CA ARG A 397 40.95 -20.89 3.72
C ARG A 397 42.28 -20.15 3.89
N TYR A 398 43.14 -20.17 2.86
CA TYR A 398 44.51 -19.59 2.88
C TYR A 398 44.53 -18.27 2.10
N GLY A 399 43.37 -17.79 1.64
CA GLY A 399 43.22 -16.51 0.92
C GLY A 399 43.41 -15.33 1.85
N GLY A 400 43.62 -14.13 1.30
CA GLY A 400 43.78 -12.87 2.04
C GLY A 400 42.50 -12.05 2.02
N THR A 401 41.34 -12.71 1.94
CA THR A 401 39.99 -12.11 1.97
C THR A 401 39.00 -13.18 2.44
N PHE A 402 37.72 -12.82 2.62
CA PHE A 402 36.65 -13.72 3.14
C PHE A 402 36.57 -14.95 2.23
N PRO A 403 36.53 -16.19 2.79
CA PRO A 403 36.54 -17.39 1.97
C PRO A 403 35.53 -17.41 0.82
N TRP A 404 34.30 -16.93 1.08
CA TRP A 404 33.15 -16.96 0.14
C TRP A 404 33.35 -15.96 -1.00
N HIS A 405 34.21 -14.95 -0.81
CA HIS A 405 34.62 -13.99 -1.88
C HIS A 405 35.49 -14.71 -2.92
N THR A 406 36.39 -15.59 -2.46
CA THR A 406 37.33 -16.39 -3.31
C THR A 406 36.56 -17.33 -4.22
N THR A 407 35.43 -17.88 -3.74
CA THR A 407 34.68 -18.98 -4.42
C THR A 407 33.59 -18.43 -5.36
N TRP A 408 32.93 -17.31 -5.01
CA TRP A 408 31.71 -16.83 -5.70
C TRP A 408 31.89 -15.42 -6.28
N LEU A 409 32.35 -14.45 -5.48
CA LEU A 409 32.32 -13.00 -5.83
C LEU A 409 32.72 -12.78 -7.30
N LYS A 410 33.77 -13.47 -7.77
CA LYS A 410 34.32 -13.34 -9.15
C LYS A 410 33.18 -13.28 -10.19
N ARG A 411 32.18 -14.15 -10.05
CA ARG A 411 31.01 -14.24 -10.97
C ARG A 411 29.98 -13.15 -10.65
N VAL A 412 29.64 -12.98 -9.36
CA VAL A 412 28.49 -12.15 -8.88
C VAL A 412 28.86 -10.65 -8.94
N ASP A 413 30.15 -10.32 -9.04
CA ASP A 413 30.69 -8.94 -8.99
C ASP A 413 30.04 -8.10 -10.11
N CYS A 414 29.17 -7.16 -9.75
CA CYS A 414 28.44 -6.25 -10.69
C CYS A 414 29.17 -4.89 -10.80
N SER A 415 30.43 -4.83 -10.36
CA SER A 415 31.24 -3.57 -10.26
C SER A 415 31.62 -3.07 -11.66
N ALA A 416 31.69 -3.96 -12.66
CA ALA A 416 31.92 -3.63 -14.08
C ALA A 416 30.74 -2.79 -14.61
N TYR A 417 29.53 -3.02 -14.08
CA TYR A 417 28.25 -2.44 -14.55
C TYR A 417 27.88 -1.18 -13.75
N LEU A 418 28.78 -0.71 -12.87
CA LEU A 418 28.63 0.56 -12.11
C LEU A 418 29.31 1.69 -12.90
N THR A 419 28.79 2.92 -12.78
CA THR A 419 29.44 4.15 -13.30
C THR A 419 30.81 4.30 -12.64
N GLY A 420 31.88 4.34 -13.43
CA GLY A 420 33.28 4.44 -12.96
C GLY A 420 33.42 5.40 -11.79
N GLU A 421 32.74 6.55 -11.85
CA GLU A 421 32.75 7.61 -10.82
C GLU A 421 32.31 7.04 -9.46
N PHE A 422 31.22 6.25 -9.46
CA PHE A 422 30.65 5.60 -8.25
C PHE A 422 31.53 4.40 -7.84
N ASN A 423 31.95 3.59 -8.82
CA ASN A 423 32.78 2.38 -8.62
C ASN A 423 34.09 2.77 -7.94
N ALA A 424 34.73 3.86 -8.41
CA ALA A 424 35.99 4.41 -7.89
C ALA A 424 35.77 5.01 -6.50
N ALA A 425 34.56 5.51 -6.22
CA ALA A 425 34.15 6.13 -4.94
C ALA A 425 33.88 5.04 -3.88
N LEU A 426 33.26 3.92 -4.28
CA LEU A 426 33.04 2.73 -3.42
C LEU A 426 34.37 2.30 -2.81
N ASP A 427 35.34 1.96 -3.66
CA ASP A 427 36.63 1.32 -3.29
C ASP A 427 36.33 0.04 -2.50
N SER A 428 35.58 -0.88 -3.12
CA SER A 428 35.08 -2.14 -2.51
C SER A 428 36.25 -3.05 -2.11
N GLU A 429 37.36 -3.02 -2.86
CA GLU A 429 38.57 -3.85 -2.62
C GLU A 429 39.24 -3.42 -1.30
N THR A 430 39.33 -2.11 -1.06
CA THR A 430 39.95 -1.51 0.16
C THR A 430 39.02 -1.77 1.36
N TYR A 431 37.71 -1.54 1.19
CA TYR A 431 36.66 -1.82 2.19
C TYR A 431 36.71 -3.28 2.61
N THR A 432 36.67 -4.19 1.64
CA THR A 432 36.70 -5.67 1.85
C THR A 432 37.98 -6.06 2.59
N ALA A 433 39.12 -5.46 2.23
CA ALA A 433 40.45 -5.71 2.83
C ALA A 433 40.46 -5.24 4.29
N ASP A 434 40.03 -3.99 4.53
CA ASP A 434 39.93 -3.39 5.89
C ASP A 434 39.01 -4.25 6.77
N ARG A 435 37.82 -4.59 6.26
CA ARG A 435 36.79 -5.36 7.01
C ARG A 435 37.31 -6.78 7.30
N PHE A 436 38.12 -7.36 6.40
CA PHE A 436 38.70 -8.72 6.55
C PHE A 436 39.79 -8.70 7.63
N GLN A 437 40.56 -7.61 7.72
CA GLN A 437 41.64 -7.42 8.72
C GLN A 437 41.04 -7.38 10.13
N GLU A 438 39.98 -6.58 10.30
CA GLU A 438 39.19 -6.47 11.57
C GLU A 438 38.62 -7.83 11.94
N ALA A 439 38.20 -8.61 10.93
CA ALA A 439 37.47 -9.90 11.08
C ALA A 439 38.43 -11.01 11.53
N THR A 440 39.63 -11.07 10.94
CA THR A 440 40.68 -12.09 11.26
C THR A 440 41.29 -11.77 12.63
N ALA A 441 41.44 -10.48 12.96
CA ALA A 441 41.94 -9.97 14.26
C ALA A 441 41.07 -10.52 15.40
N ARG A 442 39.75 -10.59 15.19
CA ARG A 442 38.74 -10.99 16.21
C ARG A 442 38.86 -12.50 16.52
N VAL A 443 39.43 -13.28 15.61
CA VAL A 443 39.46 -14.78 15.66
C VAL A 443 40.33 -15.23 16.83
N PRO A 444 39.75 -15.88 17.86
CA PRO A 444 40.55 -16.41 18.97
C PRO A 444 41.19 -17.76 18.63
N TYR A 445 42.51 -17.86 18.79
CA TYR A 445 43.32 -19.09 18.57
C TYR A 445 43.87 -19.58 19.90
N LEU A 446 44.00 -20.91 20.04
CA LEU A 446 44.76 -21.55 21.14
C LEU A 446 46.25 -21.50 20.75
N ASP A 447 47.15 -21.46 21.74
CA ASP A 447 48.62 -21.27 21.53
C ASP A 447 49.24 -22.60 21.09
N GLY A 448 50.10 -22.56 20.08
CA GLY A 448 50.89 -23.71 19.58
C GLY A 448 50.16 -24.52 18.52
N GLU A 449 49.02 -24.03 18.02
CA GLU A 449 48.20 -24.69 16.97
C GLU A 449 48.93 -24.61 15.64
N ASP A 450 48.88 -25.68 14.83
CA ASP A 450 49.52 -25.75 13.48
C ASP A 450 48.66 -24.95 12.49
N GLU A 451 49.15 -24.76 11.26
CA GLU A 451 48.53 -23.88 10.24
C GLU A 451 47.13 -24.40 9.88
N GLU A 452 47.00 -25.72 9.66
CA GLU A 452 45.71 -26.39 9.27
C GLU A 452 44.62 -26.06 10.29
N GLN A 453 44.94 -26.21 11.59
CA GLN A 453 43.98 -26.01 12.71
C GLN A 453 43.61 -24.52 12.81
N ARG A 454 44.58 -23.63 12.60
CA ARG A 454 44.39 -22.15 12.69
C ARG A 454 43.49 -21.68 11.55
N MET A 455 43.80 -22.09 10.31
CA MET A 455 43.06 -21.68 9.08
C MET A 455 41.63 -22.23 9.12
N TYR A 456 41.41 -23.36 9.82
CA TYR A 456 40.08 -23.97 10.04
C TYR A 456 39.25 -23.09 10.97
N ARG A 457 39.80 -22.76 12.14
CA ARG A 457 39.16 -21.84 13.13
C ARG A 457 38.72 -20.57 12.41
N ARG A 458 39.66 -19.89 11.75
CA ARG A 458 39.45 -18.62 11.02
C ARG A 458 38.27 -18.78 10.04
N SER A 459 38.31 -19.84 9.23
CA SER A 459 37.23 -20.19 8.28
C SER A 459 35.88 -20.24 9.01
N LEU A 460 35.82 -20.97 10.12
CA LEU A 460 34.58 -21.23 10.89
C LEU A 460 34.12 -19.95 11.61
N HIS A 461 35.06 -19.14 12.11
CA HIS A 461 34.77 -17.86 12.82
C HIS A 461 34.13 -16.86 11.85
N LEU A 462 34.78 -16.61 10.70
CA LEU A 462 34.31 -15.66 9.66
C LEU A 462 32.92 -16.10 9.17
N GLY A 463 32.74 -17.41 8.98
CA GLY A 463 31.45 -18.01 8.58
C GLY A 463 30.34 -17.68 9.55
N LEU A 464 30.63 -17.72 10.86
CA LEU A 464 29.62 -17.61 11.94
C LEU A 464 29.38 -16.14 12.32
N ASN A 465 30.31 -15.24 12.01
CA ASN A 465 30.29 -13.81 12.47
C ASN A 465 30.14 -12.84 11.29
N HIS A 466 30.02 -13.35 10.06
CA HIS A 466 29.78 -12.51 8.85
C HIS A 466 28.69 -13.15 7.98
N PHE A 467 28.96 -14.34 7.44
CA PHE A 467 28.09 -15.03 6.43
C PHE A 467 26.77 -15.46 7.07
N MET A 468 26.84 -16.17 8.20
CA MET A 468 25.65 -16.74 8.92
C MET A 468 24.73 -15.61 9.38
N ARG A 469 25.29 -14.45 9.75
CA ARG A 469 24.54 -13.27 10.26
C ARG A 469 23.61 -12.74 9.16
N VAL A 470 24.09 -12.69 7.92
CA VAL A 470 23.33 -12.18 6.74
C VAL A 470 22.18 -13.15 6.43
N LEU A 471 22.43 -14.46 6.49
CA LEU A 471 21.42 -15.52 6.24
C LEU A 471 20.32 -15.43 7.31
N GLU A 472 20.73 -15.41 8.59
CA GLU A 472 19.83 -15.25 9.77
C GLU A 472 18.88 -14.07 9.52
N ASP A 473 19.42 -12.91 9.15
CA ASP A 473 18.66 -11.65 8.95
C ASP A 473 17.75 -11.82 7.74
N ARG A 474 18.27 -12.43 6.66
CA ARG A 474 17.47 -12.81 5.46
C ARG A 474 16.28 -13.66 5.90
N VAL A 475 16.56 -14.83 6.49
CA VAL A 475 15.53 -15.81 6.96
C VAL A 475 14.51 -15.09 7.85
N ASP A 476 14.97 -14.17 8.70
CA ASP A 476 14.12 -13.40 9.65
C ASP A 476 13.23 -12.43 8.87
N ARG A 477 13.84 -11.51 8.12
CA ARG A 477 13.13 -10.43 7.36
C ARG A 477 12.01 -11.05 6.52
N MET A 478 12.34 -12.05 5.71
CA MET A 478 11.40 -12.70 4.74
C MET A 478 10.27 -13.38 5.53
N ALA A 479 10.62 -14.24 6.50
CA ALA A 479 9.67 -15.02 7.33
C ALA A 479 8.73 -14.07 8.08
N MET A 480 9.26 -12.97 8.62
CA MET A 480 8.50 -12.01 9.46
C MET A 480 7.65 -11.08 8.57
N ALA A 481 8.03 -10.93 7.30
CA ALA A 481 7.27 -10.15 6.29
C ALA A 481 5.90 -10.79 6.03
N VAL A 482 5.78 -12.12 6.23
CA VAL A 482 4.50 -12.88 6.04
C VAL A 482 3.94 -13.34 7.40
N GLY A 483 4.64 -13.05 8.50
CA GLY A 483 4.17 -13.34 9.87
C GLY A 483 4.43 -14.78 10.29
N LEU A 484 5.56 -15.35 9.85
CA LEU A 484 5.99 -16.75 10.15
C LEU A 484 7.19 -16.70 11.11
N GLU A 485 7.13 -17.45 12.21
CA GLU A 485 8.25 -17.61 13.16
C GLU A 485 9.14 -18.77 12.70
N THR A 486 10.34 -18.46 12.20
CA THR A 486 11.37 -19.43 11.79
C THR A 486 12.26 -19.74 13.01
N ARG A 487 12.46 -21.03 13.31
CA ARG A 487 13.35 -21.52 14.40
C ARG A 487 14.53 -22.27 13.78
N VAL A 488 15.69 -22.25 14.44
CA VAL A 488 17.00 -22.67 13.87
C VAL A 488 17.76 -23.50 14.91
N PRO A 489 17.38 -24.78 15.11
CA PRO A 489 18.04 -25.65 16.11
C PRO A 489 19.57 -25.68 16.05
N PHE A 490 20.14 -25.66 14.85
CA PHE A 490 21.61 -25.71 14.63
C PHE A 490 22.26 -24.39 15.06
N CYS A 491 21.54 -23.27 14.87
CA CYS A 491 22.04 -21.90 15.18
C CYS A 491 22.03 -21.67 16.69
N ASP A 492 22.79 -22.50 17.43
CA ASP A 492 22.86 -22.51 18.92
C ASP A 492 24.31 -22.21 19.32
N TYR A 493 24.49 -21.46 20.43
CA TYR A 493 25.79 -20.95 20.90
C TYR A 493 26.64 -22.10 21.44
N ARG A 494 26.03 -23.02 22.19
CA ARG A 494 26.71 -24.19 22.81
C ARG A 494 27.26 -25.08 21.70
N LEU A 495 26.41 -25.39 20.71
CA LEU A 495 26.75 -26.27 19.54
C LEU A 495 27.83 -25.60 18.68
N ALA A 496 27.77 -24.27 18.52
CA ALA A 496 28.77 -23.45 17.81
C ALA A 496 30.09 -23.45 18.57
N GLN A 497 30.03 -23.16 19.88
CA GLN A 497 31.20 -23.09 20.81
C GLN A 497 31.96 -24.43 20.76
N TYR A 498 31.22 -25.55 20.88
CA TYR A 498 31.77 -26.93 20.95
C TYR A 498 32.51 -27.27 19.64
N LEU A 499 31.81 -27.13 18.52
CA LEU A 499 32.30 -27.52 17.16
C LEU A 499 33.48 -26.64 16.73
N TYR A 500 33.57 -25.42 17.26
CA TYR A 500 34.68 -24.46 17.01
C TYR A 500 36.00 -25.02 17.56
N ASN A 501 35.94 -25.77 18.67
CA ASN A 501 37.11 -26.29 19.40
C ASN A 501 37.48 -27.71 18.92
N VAL A 502 36.57 -28.38 18.21
CA VAL A 502 36.81 -29.71 17.59
C VAL A 502 37.89 -29.56 16.53
N PRO A 503 38.93 -30.43 16.50
CA PRO A 503 39.95 -30.37 15.44
C PRO A 503 39.36 -30.60 14.04
N TRP A 504 39.95 -29.95 13.02
CA TRP A 504 39.59 -30.08 11.59
C TRP A 504 39.51 -31.57 11.21
N THR A 505 40.48 -32.37 11.67
CA THR A 505 40.59 -33.83 11.44
C THR A 505 39.21 -34.50 11.59
N MET A 506 38.52 -34.22 12.70
CA MET A 506 37.23 -34.87 13.07
C MET A 506 36.09 -34.36 12.19
N GLN A 507 36.06 -33.05 11.88
CA GLN A 507 34.98 -32.40 11.09
C GLN A 507 34.87 -33.04 9.70
N THR A 508 35.98 -33.51 9.14
CA THR A 508 36.06 -34.18 7.81
C THR A 508 36.69 -35.57 7.96
N PHE A 509 36.22 -36.37 8.91
CA PHE A 509 36.76 -37.72 9.24
C PHE A 509 36.29 -38.75 8.20
N ASP A 510 35.19 -38.45 7.49
CA ASP A 510 34.62 -39.29 6.41
C ASP A 510 35.16 -38.83 5.05
N GLY A 511 36.04 -37.82 5.03
CA GLY A 511 36.56 -37.19 3.80
C GLY A 511 35.46 -36.45 3.04
N ARG A 512 34.52 -35.86 3.77
CA ARG A 512 33.36 -35.07 3.22
C ARG A 512 32.94 -34.00 4.23
N GLU A 513 32.15 -33.02 3.77
CA GLU A 513 31.60 -31.93 4.60
C GLU A 513 30.53 -32.50 5.55
N LYS A 514 30.44 -31.95 6.76
CA LYS A 514 29.40 -32.26 7.78
C LYS A 514 29.43 -33.75 8.15
N SER A 515 30.63 -34.34 8.23
CA SER A 515 30.85 -35.78 8.58
C SER A 515 30.35 -36.05 10.00
N LEU A 516 30.56 -35.11 10.94
CA LEU A 516 30.09 -35.19 12.35
C LEU A 516 28.56 -35.09 12.39
N LEU A 517 27.96 -34.37 11.44
CA LEU A 517 26.48 -34.23 11.30
C LEU A 517 25.88 -35.53 10.78
N ARG A 518 26.48 -36.11 9.73
CA ARG A 518 26.01 -37.35 9.05
C ARG A 518 26.16 -38.55 9.99
N ALA A 519 27.27 -38.63 10.72
CA ALA A 519 27.60 -39.73 11.66
C ALA A 519 26.65 -39.72 12.87
N SER A 520 26.14 -38.54 13.23
CA SER A 520 25.22 -38.32 14.38
C SER A 520 23.76 -38.61 13.98
N VAL A 521 23.45 -38.50 12.68
CA VAL A 521 22.07 -38.62 12.11
C VAL A 521 22.12 -39.68 11.00
N THR A 522 22.58 -40.89 11.34
CA THR A 522 22.69 -42.05 10.41
C THR A 522 21.46 -42.96 10.59
N ASP A 523 20.84 -42.94 11.77
CA ASP A 523 19.68 -43.81 12.13
C ASP A 523 18.39 -43.22 11.55
N VAL A 524 18.16 -41.92 11.72
CA VAL A 524 16.87 -41.23 11.38
C VAL A 524 16.81 -40.93 9.88
N VAL A 525 17.93 -40.51 9.27
CA VAL A 525 18.03 -40.14 7.83
C VAL A 525 18.38 -41.40 7.02
N THR A 526 17.64 -41.66 5.93
CA THR A 526 17.82 -42.84 5.03
C THR A 526 18.10 -42.36 3.62
N PRO A 527 19.29 -42.63 3.03
CA PRO A 527 19.62 -42.19 1.68
C PRO A 527 18.60 -42.62 0.62
N ASP A 542 17.07 -20.75 -14.15
CA ASP A 542 16.19 -20.79 -15.33
C ASP A 542 16.57 -19.65 -16.28
N THR A 543 16.37 -19.86 -17.59
CA THR A 543 16.64 -18.87 -18.67
C THR A 543 15.45 -17.89 -18.78
N LEU A 544 14.23 -18.39 -18.56
CA LEU A 544 12.97 -17.60 -18.66
C LEU A 544 12.97 -16.50 -17.60
N TYR A 545 13.44 -16.81 -16.39
CA TYR A 545 13.53 -15.86 -15.24
C TYR A 545 14.40 -14.66 -15.62
N VAL A 546 15.47 -14.90 -16.39
CA VAL A 546 16.47 -13.86 -16.78
C VAL A 546 15.86 -12.95 -17.86
N GLY A 547 15.09 -13.53 -18.80
CA GLY A 547 14.36 -12.80 -19.84
C GLY A 547 13.43 -11.75 -19.25
N ALA A 548 12.73 -12.11 -18.16
CA ALA A 548 11.83 -11.22 -17.41
C ALA A 548 12.63 -10.07 -16.78
N LEU A 549 13.79 -10.37 -16.17
CA LEU A 549 14.69 -9.37 -15.56
C LEU A 549 15.11 -8.35 -16.64
N GLN A 550 15.48 -8.84 -17.82
CA GLN A 550 15.91 -8.00 -18.98
C GLN A 550 14.77 -7.11 -19.45
N GLU A 551 13.55 -7.64 -19.53
CA GLU A 551 12.32 -6.90 -19.96
C GLU A 551 12.03 -5.80 -18.93
N GLN A 552 12.09 -6.13 -17.64
CA GLN A 552 11.86 -5.17 -16.52
C GLN A 552 12.95 -4.09 -16.53
N VAL A 553 14.18 -4.46 -16.91
CA VAL A 553 15.34 -3.51 -17.01
C VAL A 553 15.15 -2.60 -18.23
N LYS A 554 14.61 -3.11 -19.33
CA LYS A 554 14.31 -2.32 -20.56
C LYS A 554 13.24 -1.27 -20.23
N ILE A 555 12.22 -1.65 -19.44
CA ILE A 555 11.16 -0.72 -18.95
C ILE A 555 11.84 0.44 -18.21
N LEU A 556 12.77 0.10 -17.30
CA LEU A 556 13.55 1.06 -16.46
C LEU A 556 14.38 1.99 -17.35
N LEU A 557 15.07 1.43 -18.35
CA LEU A 557 15.94 2.17 -19.31
C LEU A 557 15.12 3.22 -20.08
N LYS A 558 13.83 2.96 -20.31
CA LYS A 558 12.88 3.88 -21.00
C LYS A 558 12.85 5.23 -20.28
N GLU A 559 13.01 5.23 -18.95
CA GLU A 559 13.05 6.46 -18.11
C GLU A 559 14.48 6.66 -17.59
N PRO A 560 15.32 7.43 -18.31
CA PRO A 560 16.74 7.57 -17.95
C PRO A 560 17.01 8.59 -16.83
N SER A 561 15.96 9.28 -16.36
CA SER A 561 16.00 10.25 -15.24
C SER A 561 16.21 9.52 -13.89
N SER A 562 15.85 8.23 -13.83
CA SER A 562 15.91 7.37 -12.62
C SER A 562 17.26 7.55 -11.91
N PRO A 563 17.27 7.74 -10.56
CA PRO A 563 18.52 7.84 -9.80
C PRO A 563 19.37 6.55 -9.78
N VAL A 564 18.85 5.45 -10.32
CA VAL A 564 19.57 4.15 -10.47
C VAL A 564 20.82 4.37 -11.35
N PHE A 565 20.70 5.24 -12.35
CA PHE A 565 21.75 5.46 -13.39
C PHE A 565 22.80 6.46 -12.90
N ASP A 566 22.67 6.96 -11.66
CA ASP A 566 23.73 7.69 -10.92
C ASP A 566 24.74 6.69 -10.36
N LEU A 567 24.29 5.43 -10.14
CA LEU A 567 25.11 4.32 -9.58
C LEU A 567 25.53 3.37 -10.71
N PHE A 568 24.58 2.92 -11.52
CA PHE A 568 24.78 1.96 -12.65
C PHE A 568 24.94 2.73 -13.97
N ASP A 569 25.79 2.22 -14.87
CA ASP A 569 26.00 2.78 -16.23
C ASP A 569 24.79 2.39 -17.09
N ARG A 570 24.04 3.39 -17.57
CA ARG A 570 22.84 3.22 -18.44
C ARG A 570 23.22 2.44 -19.69
N SER A 571 24.34 2.81 -20.33
CA SER A 571 24.84 2.23 -21.61
C SER A 571 25.10 0.73 -21.46
N LYS A 572 25.74 0.32 -20.35
CA LYS A 572 26.18 -1.09 -20.10
C LYS A 572 24.98 -1.97 -19.77
N LEU A 573 23.94 -1.42 -19.12
CA LEU A 573 22.69 -2.14 -18.81
C LEU A 573 21.91 -2.41 -20.09
N ALA A 574 21.72 -1.36 -20.92
CA ALA A 574 21.07 -1.44 -22.25
C ALA A 574 21.75 -2.55 -23.07
N GLU A 575 23.08 -2.51 -23.15
CA GLU A 575 23.93 -3.52 -23.85
C GLU A 575 23.63 -4.91 -23.28
N ALA A 576 23.60 -5.04 -21.95
CA ALA A 576 23.36 -6.31 -21.22
C ALA A 576 21.91 -6.77 -21.43
N ALA A 577 20.96 -5.83 -21.40
CA ALA A 577 19.51 -6.09 -21.58
C ALA A 577 19.23 -6.58 -23.01
N GLU A 578 20.01 -6.10 -23.99
CA GLU A 578 19.83 -6.39 -25.44
C GLU A 578 20.21 -7.84 -25.74
N LEU A 579 21.10 -8.43 -24.95
CA LEU A 579 21.64 -9.81 -25.15
C LEU A 579 20.52 -10.84 -24.99
N SER A 580 20.72 -12.03 -25.54
CA SER A 580 19.84 -13.22 -25.33
C SER A 580 19.93 -13.62 -23.86
N PRO A 581 18.83 -14.08 -23.22
CA PRO A 581 18.88 -14.50 -21.82
C PRO A 581 19.97 -15.56 -21.57
N GLN A 582 20.20 -16.44 -22.54
CA GLN A 582 21.20 -17.53 -22.49
C GLN A 582 22.62 -16.95 -22.38
N GLN A 583 22.87 -15.80 -23.00
CA GLN A 583 24.19 -15.12 -23.03
C GLN A 583 24.50 -14.50 -21.66
N ILE A 584 23.51 -13.80 -21.09
CA ILE A 584 23.58 -13.15 -19.75
C ILE A 584 23.81 -14.24 -18.69
N ALA A 585 24.88 -14.10 -17.89
CA ALA A 585 25.19 -15.02 -16.77
C ALA A 585 26.20 -14.37 -15.81
N GLY A 586 25.89 -14.35 -14.51
CA GLY A 586 26.83 -14.03 -13.41
C GLY A 586 26.75 -12.58 -12.98
N ALA A 587 27.69 -11.75 -13.45
CA ALA A 587 27.82 -10.31 -13.13
C ALA A 587 26.62 -9.53 -13.67
N PRO A 588 26.28 -9.62 -14.98
CA PRO A 588 25.12 -8.91 -15.51
C PRO A 588 23.79 -9.29 -14.83
N ARG A 589 23.58 -10.58 -14.55
CA ARG A 589 22.38 -11.10 -13.82
C ARG A 589 22.29 -10.40 -12.46
N ALA A 590 23.42 -10.35 -11.75
CA ALA A 590 23.57 -9.68 -10.43
C ALA A 590 23.30 -8.18 -10.60
N ALA A 591 23.80 -7.57 -11.68
CA ALA A 591 23.62 -6.13 -12.01
C ALA A 591 22.12 -5.82 -12.17
N PHE A 592 21.39 -6.67 -12.90
CA PHE A 592 19.93 -6.52 -13.17
C PHE A 592 19.16 -6.55 -11.86
N GLU A 593 19.38 -7.60 -11.04
CA GLU A 593 18.66 -7.83 -9.76
C GLU A 593 18.91 -6.66 -8.81
N LYS A 594 20.12 -6.10 -8.84
CA LYS A 594 20.56 -4.93 -8.02
C LYS A 594 19.83 -3.66 -8.50
N ALA A 595 19.82 -3.42 -9.80
CA ALA A 595 19.25 -2.21 -10.45
C ALA A 595 17.74 -2.15 -10.23
N LEU A 596 17.04 -3.28 -10.41
CA LEU A 596 15.56 -3.38 -10.26
C LEU A 596 15.19 -3.20 -8.79
N ASP A 597 15.98 -3.76 -7.86
CA ASP A 597 15.82 -3.54 -6.40
C ASP A 597 16.03 -2.07 -6.08
N LEU A 598 17.10 -1.46 -6.60
CA LEU A 598 17.43 -0.02 -6.42
C LEU A 598 16.27 0.84 -6.94
N ALA A 599 15.75 0.52 -8.13
CA ALA A 599 14.60 1.21 -8.76
C ALA A 599 13.42 1.25 -7.78
N VAL A 600 13.02 0.09 -7.27
CA VAL A 600 11.92 -0.10 -6.27
C VAL A 600 12.26 0.69 -5.00
N TRP A 601 13.46 0.46 -4.45
CA TRP A 601 13.95 1.07 -3.19
C TRP A 601 13.75 2.59 -3.23
N PHE A 602 14.18 3.24 -4.31
CA PHE A 602 14.16 4.72 -4.50
C PHE A 602 12.71 5.25 -4.44
N GLU A 603 11.72 4.42 -4.78
CA GLU A 603 10.29 4.82 -4.83
C GLU A 603 9.64 4.68 -3.45
N ILE A 604 9.95 3.62 -2.70
CA ILE A 604 9.19 3.23 -1.46
C ILE A 604 9.77 3.91 -0.22
N ARG A 605 11.11 4.08 -0.14
CA ARG A 605 11.81 4.65 1.04
C ARG A 605 12.27 6.09 0.76
N ASN A 606 12.57 6.41 -0.51
CA ASN A 606 13.02 7.77 -0.95
C ASN A 606 14.22 8.20 -0.12
N PRO A 607 15.39 7.54 -0.25
CA PRO A 607 16.58 7.91 0.49
C PRO A 607 17.24 9.19 -0.05
N GLU A 608 18.13 9.79 0.74
CA GLU A 608 18.98 10.95 0.35
C GLU A 608 20.43 10.47 0.31
N LEU A 609 20.88 9.98 -0.85
CA LEU A 609 22.28 9.51 -1.05
C LEU A 609 23.21 10.72 -0.98
N ARG A 610 24.16 10.71 -0.03
CA ARG A 610 25.20 11.78 0.14
C ARG A 610 26.37 11.45 -0.79
N TYR A 611 26.11 11.41 -2.10
CA TYR A 611 27.07 11.05 -3.18
C TYR A 611 26.85 12.02 -4.35
N CYS B 2 -7.79 10.12 -15.27
CA CYS B 2 -7.40 10.03 -16.70
C CYS B 2 -8.54 10.57 -17.59
N GLY B 3 -8.23 10.87 -18.85
CA GLY B 3 -9.18 11.39 -19.86
C GLY B 3 -9.30 10.46 -21.05
N VAL B 4 -10.48 9.87 -21.27
CA VAL B 4 -10.80 8.95 -22.40
C VAL B 4 -11.53 9.74 -23.49
N ALA B 5 -11.28 9.41 -24.76
CA ALA B 5 -11.95 9.98 -25.95
C ALA B 5 -11.78 9.00 -27.12
N GLY B 6 -12.76 8.96 -28.03
CA GLY B 6 -12.68 8.08 -29.22
C GLY B 6 -13.81 8.31 -30.22
N TRP B 7 -13.66 7.70 -31.40
CA TRP B 7 -14.54 7.88 -32.59
C TRP B 7 -14.67 6.55 -33.33
N VAL B 8 -15.91 6.08 -33.52
CA VAL B 8 -16.23 4.85 -34.31
C VAL B 8 -17.04 5.27 -35.54
N SER B 9 -16.73 4.68 -36.70
CA SER B 9 -17.44 4.90 -37.99
C SER B 9 -17.42 3.60 -38.82
N PHE B 10 -18.53 3.30 -39.50
CA PHE B 10 -18.64 2.22 -40.50
C PHE B 10 -18.85 2.82 -41.89
N ARG B 11 -18.75 4.15 -41.99
CA ARG B 11 -18.89 4.93 -43.25
C ARG B 11 -17.50 5.47 -43.68
N GLN B 12 -16.71 5.96 -42.72
CA GLN B 12 -15.39 6.62 -42.97
C GLN B 12 -14.25 5.72 -42.49
N ASP B 13 -13.07 5.86 -43.12
CA ASP B 13 -11.78 5.27 -42.69
C ASP B 13 -11.15 6.21 -41.65
N LEU B 14 -10.96 5.71 -40.43
CA LEU B 14 -10.43 6.50 -39.27
C LEU B 14 -8.98 6.11 -38.98
N SER B 15 -8.30 5.44 -39.92
CA SER B 15 -6.91 4.94 -39.76
C SER B 15 -5.90 6.10 -39.88
N HIS B 16 -6.27 7.18 -40.59
CA HIS B 16 -5.41 8.38 -40.80
C HIS B 16 -6.13 9.62 -40.25
N GLU B 17 -6.77 9.51 -39.08
CA GLU B 17 -7.49 10.61 -38.39
C GLU B 17 -6.80 10.88 -37.04
N GLU B 18 -5.47 11.03 -37.05
CA GLU B 18 -4.66 11.35 -35.84
C GLU B 18 -5.04 12.75 -35.33
N ASN B 19 -5.00 13.74 -36.22
CA ASN B 19 -5.15 15.19 -35.89
C ASN B 19 -6.52 15.45 -35.23
N ILE B 20 -7.57 14.78 -35.70
CA ILE B 20 -8.96 14.91 -35.15
C ILE B 20 -9.02 14.22 -33.78
N LEU B 21 -8.50 12.98 -33.67
CA LEU B 21 -8.47 12.20 -32.41
C LEU B 21 -7.62 12.95 -31.36
N ALA B 22 -6.52 13.56 -31.81
CA ALA B 22 -5.62 14.39 -30.97
C ALA B 22 -6.41 15.53 -30.34
N GLY B 23 -7.13 16.29 -31.18
CA GLY B 23 -7.97 17.45 -30.77
C GLY B 23 -9.03 17.07 -29.73
N MET B 24 -9.61 15.87 -29.86
CA MET B 24 -10.61 15.32 -28.91
C MET B 24 -9.92 14.98 -27.59
N THR B 25 -8.83 14.21 -27.65
CA THR B 25 -8.06 13.70 -26.49
C THR B 25 -7.42 14.86 -25.72
N ASN B 26 -6.73 15.76 -26.43
CA ASN B 26 -5.83 16.78 -25.86
C ASN B 26 -6.63 17.99 -25.34
N SER B 27 -7.94 18.05 -25.62
CA SER B 27 -8.87 19.01 -24.97
C SER B 27 -8.93 18.73 -23.47
N MET B 28 -8.68 17.47 -23.06
CA MET B 28 -8.68 17.02 -21.64
C MET B 28 -7.22 16.81 -21.17
N THR B 29 -6.31 17.68 -21.58
CA THR B 29 -4.87 17.65 -21.18
C THR B 29 -4.76 17.72 -19.65
N CYS B 30 -5.65 18.48 -19.00
CA CYS B 30 -5.73 18.63 -17.53
C CYS B 30 -5.97 17.26 -16.87
N ARG B 31 -6.89 16.45 -17.42
CA ARG B 31 -7.31 15.14 -16.86
C ARG B 31 -6.13 14.16 -16.82
N GLY B 32 -5.17 14.30 -17.74
CA GLY B 32 -3.99 13.42 -17.85
C GLY B 32 -2.75 14.19 -18.31
N PRO B 33 -2.09 14.97 -17.42
CA PRO B 33 -0.94 15.78 -17.83
C PRO B 33 0.31 14.94 -18.08
N ASP B 34 0.39 13.76 -17.47
CA ASP B 34 1.59 12.89 -17.43
C ASP B 34 1.92 12.38 -18.85
N ALA B 35 0.98 11.69 -19.49
CA ALA B 35 1.17 11.04 -20.82
C ALA B 35 -0.08 11.20 -21.69
N SER B 36 0.08 10.91 -22.99
CA SER B 36 -1.00 10.79 -24.01
C SER B 36 -0.81 9.48 -24.79
N GLY B 37 -1.78 9.13 -25.63
CA GLY B 37 -1.76 7.90 -26.45
C GLY B 37 -2.87 7.89 -27.48
N GLN B 38 -2.62 7.21 -28.61
CA GLN B 38 -3.58 7.06 -29.72
C GLN B 38 -3.45 5.66 -30.32
N TRP B 39 -4.59 5.05 -30.68
CA TRP B 39 -4.70 3.79 -31.46
C TRP B 39 -5.79 3.99 -32.51
N LEU B 40 -5.43 3.90 -33.80
CA LEU B 40 -6.34 4.16 -34.94
C LEU B 40 -6.42 2.92 -35.82
N SER B 41 -7.65 2.45 -36.09
CA SER B 41 -7.99 1.33 -37.00
C SER B 41 -8.86 1.87 -38.14
N ARG B 42 -9.42 0.97 -38.96
CA ARG B 42 -10.29 1.32 -40.12
C ARG B 42 -11.64 1.87 -39.64
N HIS B 43 -12.17 1.33 -38.53
CA HIS B 43 -13.55 1.60 -38.03
C HIS B 43 -13.56 2.20 -36.62
N ALA B 44 -12.40 2.39 -35.99
CA ALA B 44 -12.30 2.83 -34.57
C ALA B 44 -10.99 3.56 -34.30
N ALA B 45 -11.09 4.71 -33.61
CA ALA B 45 -9.95 5.54 -33.15
C ALA B 45 -10.11 5.84 -31.66
N LEU B 46 -9.28 5.22 -30.81
CA LEU B 46 -9.29 5.40 -29.33
C LEU B 46 -8.15 6.32 -28.91
N GLY B 47 -8.47 7.39 -28.18
CA GLY B 47 -7.50 8.31 -27.56
C GLY B 47 -7.52 8.18 -26.05
N HIS B 48 -6.44 8.60 -25.39
CA HIS B 48 -6.31 8.57 -23.90
C HIS B 48 -5.40 9.70 -23.42
N ARG B 49 -5.78 10.34 -22.31
CA ARG B 49 -4.96 11.30 -21.54
C ARG B 49 -4.75 10.72 -20.13
N ARG B 50 -3.52 10.33 -19.80
CA ARG B 50 -3.19 9.53 -18.59
C ARG B 50 -2.69 10.45 -17.45
N LEU B 51 -3.29 10.29 -16.27
CA LEU B 51 -2.71 10.69 -14.96
C LEU B 51 -2.21 9.41 -14.27
N SER B 52 -0.94 9.08 -14.45
CA SER B 52 -0.28 7.84 -13.93
C SER B 52 -0.41 7.79 -12.40
N ILE B 53 -1.03 6.74 -11.87
CA ILE B 53 -1.23 6.49 -10.42
C ILE B 53 -0.56 5.17 -10.03
N ILE B 54 -0.88 4.09 -10.75
CA ILE B 54 -0.34 2.71 -10.52
C ILE B 54 0.43 2.26 -11.77
N ASP B 55 1.65 1.74 -11.57
CA ASP B 55 2.58 1.27 -12.63
C ASP B 55 2.79 2.39 -13.64
N LEU B 56 3.57 3.42 -13.25
CA LEU B 56 3.85 4.63 -14.06
C LEU B 56 4.39 4.23 -15.44
N PRO B 57 5.40 3.33 -15.55
CA PRO B 57 5.97 2.97 -16.84
C PRO B 57 5.16 1.95 -17.67
N GLY B 58 4.35 1.12 -17.00
CA GLY B 58 3.68 -0.05 -17.60
C GLY B 58 2.21 0.18 -17.92
N GLY B 59 1.53 1.11 -17.23
CA GLY B 59 0.10 1.40 -17.41
C GLY B 59 -0.16 2.29 -18.62
N THR B 60 0.57 2.06 -19.72
CA THR B 60 0.51 2.87 -20.97
C THR B 60 -0.78 2.57 -21.71
N GLN B 61 -1.52 3.61 -22.11
CA GLN B 61 -2.83 3.50 -22.80
C GLN B 61 -2.81 4.37 -24.06
N PRO B 62 -3.60 4.04 -25.11
CA PRO B 62 -4.44 2.85 -25.13
C PRO B 62 -3.61 1.55 -25.03
N MET B 63 -4.13 0.54 -24.33
CA MET B 63 -3.49 -0.79 -24.15
C MET B 63 -4.14 -1.77 -25.12
N THR B 64 -3.33 -2.38 -26.01
CA THR B 64 -3.76 -3.38 -27.02
C THR B 64 -3.30 -4.79 -26.59
N VAL B 65 -4.16 -5.78 -26.82
CA VAL B 65 -3.84 -7.24 -26.67
C VAL B 65 -4.26 -7.94 -27.97
N ASP B 66 -3.29 -8.50 -28.71
CA ASP B 66 -3.55 -9.21 -29.99
C ASP B 66 -4.24 -10.54 -29.68
N THR B 67 -5.23 -10.92 -30.51
CA THR B 67 -5.93 -12.23 -30.49
C THR B 67 -5.97 -12.76 -31.92
N PRO B 68 -6.20 -14.08 -32.13
CA PRO B 68 -6.29 -14.63 -33.48
C PRO B 68 -7.24 -13.85 -34.40
N GLY B 69 -8.37 -13.38 -33.87
CA GLY B 69 -9.43 -12.68 -34.62
C GLY B 69 -9.13 -11.20 -34.81
N GLY B 70 -8.11 -10.67 -34.16
CA GLY B 70 -7.65 -9.27 -34.29
C GLY B 70 -7.33 -8.63 -32.94
N PRO B 71 -6.83 -7.38 -32.94
CA PRO B 71 -6.44 -6.69 -31.69
C PRO B 71 -7.64 -6.21 -30.86
N VAL B 72 -7.52 -6.28 -29.54
CA VAL B 72 -8.51 -5.74 -28.56
C VAL B 72 -7.85 -4.58 -27.81
N THR B 73 -8.23 -3.33 -28.14
CA THR B 73 -7.65 -2.09 -27.58
C THR B 73 -8.63 -1.47 -26.58
N MET B 74 -8.11 -0.85 -25.51
CA MET B 74 -8.92 -0.22 -24.43
C MET B 74 -8.35 1.16 -24.07
N SER B 75 -9.25 2.11 -23.82
CA SER B 75 -8.96 3.43 -23.21
C SER B 75 -9.74 3.53 -21.89
N TYR B 76 -9.04 3.60 -20.76
CA TYR B 76 -9.59 3.38 -19.39
C TYR B 76 -9.26 4.56 -18.47
N SER B 77 -10.29 5.17 -17.90
CA SER B 77 -10.21 6.21 -16.83
C SER B 77 -10.87 5.69 -15.55
N GLY B 78 -10.10 5.52 -14.47
CA GLY B 78 -10.62 5.14 -13.14
C GLY B 78 -9.67 4.25 -12.37
N GLU B 79 -10.19 3.54 -11.37
CA GLU B 79 -9.42 2.64 -10.47
C GLU B 79 -10.26 1.40 -10.16
N THR B 80 -9.79 0.21 -10.54
CA THR B 80 -10.39 -1.09 -10.18
C THR B 80 -9.69 -1.61 -8.92
N TYR B 81 -10.29 -1.40 -7.74
CA TYR B 81 -9.66 -1.62 -6.42
C TYR B 81 -9.50 -3.12 -6.11
N ASN B 82 -10.09 -4.00 -6.92
CA ASN B 82 -9.99 -5.48 -6.75
C ASN B 82 -9.17 -6.08 -7.90
N PHE B 83 -8.23 -5.31 -8.47
CA PHE B 83 -7.39 -5.74 -9.62
C PHE B 83 -6.42 -6.84 -9.19
N VAL B 84 -6.02 -6.84 -7.91
CA VAL B 84 -5.15 -7.89 -7.31
C VAL B 84 -5.94 -9.21 -7.22
N GLU B 85 -7.20 -9.14 -6.79
CA GLU B 85 -8.10 -10.32 -6.58
C GLU B 85 -8.49 -10.91 -7.94
N LEU B 86 -8.77 -10.06 -8.93
CA LEU B 86 -9.17 -10.45 -10.31
C LEU B 86 -7.99 -11.09 -11.06
N ARG B 87 -6.79 -10.51 -10.94
CA ARG B 87 -5.56 -10.97 -11.64
C ARG B 87 -5.22 -12.40 -11.19
N ASP B 88 -5.30 -12.66 -9.89
CA ASP B 88 -5.04 -14.00 -9.27
C ASP B 88 -6.02 -15.03 -9.84
N GLU B 89 -7.25 -14.61 -10.13
CA GLU B 89 -8.32 -15.47 -10.71
C GLU B 89 -8.11 -15.63 -12.22
N LEU B 90 -7.64 -14.57 -12.90
CA LEU B 90 -7.33 -14.57 -14.35
C LEU B 90 -6.08 -15.42 -14.61
N ARG B 91 -5.14 -15.48 -13.66
CA ARG B 91 -3.88 -16.28 -13.74
C ARG B 91 -4.22 -17.77 -13.66
N LYS B 92 -5.20 -18.15 -12.83
CA LYS B 92 -5.71 -19.54 -12.70
C LYS B 92 -6.43 -19.95 -13.99
N ARG B 93 -6.95 -18.97 -14.75
CA ARG B 93 -7.67 -19.17 -16.04
C ARG B 93 -6.68 -19.06 -17.22
N GLY B 94 -5.38 -18.93 -16.94
CA GLY B 94 -4.29 -19.10 -17.93
C GLY B 94 -3.73 -17.78 -18.45
N HIS B 95 -4.26 -16.64 -17.98
CA HIS B 95 -3.84 -15.29 -18.45
C HIS B 95 -2.47 -14.91 -17.85
N THR B 96 -1.51 -14.56 -18.72
CA THR B 96 -0.19 -13.98 -18.35
C THR B 96 -0.31 -12.45 -18.35
N PHE B 97 0.51 -11.77 -17.54
CA PHE B 97 0.47 -10.29 -17.35
C PHE B 97 1.89 -9.72 -17.54
N ARG B 98 2.04 -8.80 -18.50
CA ARG B 98 3.30 -8.09 -18.81
C ARG B 98 3.53 -6.95 -17.81
N THR B 99 2.43 -6.31 -17.37
CA THR B 99 2.44 -5.12 -16.47
C THR B 99 1.96 -5.53 -15.08
N ARG B 100 1.99 -4.58 -14.14
CA ARG B 100 1.40 -4.70 -12.78
C ARG B 100 0.33 -3.60 -12.62
N SER B 101 -0.18 -3.08 -13.74
CA SER B 101 -1.25 -2.05 -13.80
C SER B 101 -2.62 -2.72 -13.66
N ASP B 102 -3.61 -1.98 -13.18
CA ASP B 102 -5.03 -2.42 -13.09
C ASP B 102 -5.64 -2.40 -14.50
N THR B 103 -5.12 -1.53 -15.38
CA THR B 103 -5.55 -1.39 -16.79
C THR B 103 -5.55 -2.75 -17.49
N GLU B 104 -4.46 -3.50 -17.38
CA GLU B 104 -4.29 -4.84 -18.01
C GLU B 104 -5.37 -5.79 -17.45
N VAL B 105 -5.57 -5.81 -16.14
CA VAL B 105 -6.50 -6.74 -15.43
C VAL B 105 -7.91 -6.58 -16.01
N VAL B 106 -8.32 -5.34 -16.29
CA VAL B 106 -9.66 -5.01 -16.85
C VAL B 106 -9.72 -5.46 -18.32
N LEU B 107 -8.64 -5.25 -19.07
CA LEU B 107 -8.55 -5.62 -20.52
C LEU B 107 -8.55 -7.15 -20.65
N ARG B 108 -7.70 -7.84 -19.87
CA ARG B 108 -7.63 -9.33 -19.81
C ARG B 108 -8.94 -9.86 -19.20
N GLY B 109 -9.56 -9.06 -18.31
CA GLY B 109 -10.88 -9.34 -17.72
C GLY B 109 -11.97 -9.39 -18.78
N TYR B 110 -11.93 -8.45 -19.73
CA TYR B 110 -12.88 -8.36 -20.88
C TYR B 110 -12.74 -9.60 -21.76
N LEU B 111 -11.51 -10.07 -22.01
CA LEU B 111 -11.22 -11.24 -22.86
C LEU B 111 -11.86 -12.51 -22.27
N GLU B 112 -11.93 -12.60 -20.94
CA GLU B 112 -12.39 -13.80 -20.20
C GLU B 112 -13.93 -13.81 -20.13
N TRP B 113 -14.55 -12.68 -19.77
CA TRP B 113 -15.99 -12.58 -19.42
C TRP B 113 -16.76 -11.65 -20.36
N GLY B 114 -16.07 -10.94 -21.27
CA GLY B 114 -16.68 -9.94 -22.17
C GLY B 114 -17.14 -8.71 -21.40
N ALA B 115 -18.32 -8.18 -21.75
CA ALA B 115 -18.95 -7.01 -21.11
C ALA B 115 -19.22 -7.29 -19.61
N ALA B 116 -19.31 -8.57 -19.23
CA ALA B 116 -19.58 -9.03 -17.84
C ALA B 116 -18.40 -8.73 -16.91
N ILE B 117 -17.30 -8.16 -17.43
CA ILE B 117 -16.16 -7.63 -16.62
C ILE B 117 -16.67 -6.53 -15.69
N ALA B 118 -17.64 -5.72 -16.14
CA ALA B 118 -18.30 -4.65 -15.36
C ALA B 118 -18.85 -5.21 -14.05
N GLU B 119 -19.42 -6.42 -14.11
CA GLU B 119 -20.10 -7.10 -12.96
C GLU B 119 -19.07 -7.54 -11.92
N ARG B 120 -17.82 -7.79 -12.32
CA ARG B 120 -16.74 -8.35 -11.46
C ARG B 120 -15.81 -7.24 -10.96
N MET B 121 -15.81 -6.07 -11.60
CA MET B 121 -14.98 -4.89 -11.21
C MET B 121 -15.56 -4.23 -9.96
N VAL B 122 -14.69 -3.63 -9.14
CA VAL B 122 -15.05 -2.80 -7.95
C VAL B 122 -14.25 -1.49 -8.02
N GLY B 123 -14.94 -0.34 -7.91
CA GLY B 123 -14.33 1.00 -7.80
C GLY B 123 -15.01 2.00 -8.72
N MET B 124 -14.22 2.85 -9.37
CA MET B 124 -14.70 3.87 -10.34
C MET B 124 -14.00 3.64 -11.69
N CYS B 125 -14.74 3.81 -12.79
CA CYS B 125 -14.30 3.45 -14.17
C CYS B 125 -15.16 4.15 -15.23
N ALA B 126 -14.51 4.71 -16.25
CA ALA B 126 -15.12 5.16 -17.53
C ALA B 126 -14.32 4.51 -18.67
N ILE B 127 -14.70 3.29 -19.05
CA ILE B 127 -13.94 2.40 -19.99
C ILE B 127 -14.52 2.55 -21.40
N ALA B 128 -13.65 2.48 -22.41
CA ALA B 128 -14.00 2.31 -23.84
C ALA B 128 -13.13 1.20 -24.43
N ILE B 129 -13.74 0.11 -24.91
CA ILE B 129 -13.06 -1.07 -25.50
C ILE B 129 -13.51 -1.23 -26.96
N TRP B 130 -12.56 -1.30 -27.89
CA TRP B 130 -12.80 -1.72 -29.30
C TRP B 130 -12.33 -3.17 -29.47
N ASP B 131 -13.22 -4.03 -29.96
CA ASP B 131 -12.98 -5.48 -30.19
C ASP B 131 -12.95 -5.73 -31.69
N SER B 132 -11.76 -5.86 -32.29
CA SER B 132 -11.54 -6.09 -33.74
C SER B 132 -12.20 -7.40 -34.18
N ARG B 133 -12.31 -8.38 -33.28
CA ARG B 133 -12.89 -9.73 -33.54
C ARG B 133 -14.35 -9.58 -34.00
N TYR B 134 -15.10 -8.64 -33.41
CA TYR B 134 -16.55 -8.44 -33.64
C TYR B 134 -16.84 -7.00 -34.08
N GLU B 135 -15.80 -6.25 -34.47
CA GLU B 135 -15.89 -4.81 -34.86
C GLU B 135 -16.96 -4.12 -34.03
N ARG B 136 -16.75 -4.07 -32.71
CA ARG B 136 -17.75 -3.63 -31.71
C ARG B 136 -17.07 -2.78 -30.63
N LEU B 137 -17.61 -1.57 -30.38
CA LEU B 137 -17.22 -0.70 -29.24
C LEU B 137 -18.01 -1.12 -28.01
N THR B 138 -17.38 -1.12 -26.84
CA THR B 138 -18.00 -1.41 -25.52
C THR B 138 -17.63 -0.29 -24.55
N LEU B 139 -18.61 0.53 -24.16
CA LEU B 139 -18.46 1.59 -23.12
C LEU B 139 -19.05 1.08 -21.81
N ILE B 140 -18.25 1.07 -20.74
CA ILE B 140 -18.67 0.71 -19.35
C ILE B 140 -18.48 1.96 -18.46
N ARG B 141 -19.52 2.34 -17.71
CA ARG B 141 -19.44 3.36 -16.63
C ARG B 141 -19.74 2.68 -15.29
N ASP B 142 -19.05 3.11 -14.23
CA ASP B 142 -19.13 2.52 -12.86
C ASP B 142 -20.56 2.67 -12.31
N ARG B 143 -20.86 1.93 -11.25
CA ARG B 143 -22.24 1.69 -10.73
C ARG B 143 -22.84 2.98 -10.15
N MET B 144 -22.06 3.78 -9.43
CA MET B 144 -22.56 4.99 -8.71
C MET B 144 -22.45 6.22 -9.62
N GLY B 145 -21.51 6.24 -10.56
CA GLY B 145 -21.32 7.33 -11.53
C GLY B 145 -20.23 8.29 -11.09
N THR B 146 -19.13 7.76 -10.57
CA THR B 146 -17.94 8.50 -10.08
C THR B 146 -17.22 9.15 -11.26
N LYS B 147 -16.86 8.34 -12.27
CA LYS B 147 -16.08 8.75 -13.46
C LYS B 147 -17.01 8.93 -14.65
N PRO B 148 -16.88 10.04 -15.42
CA PRO B 148 -17.86 10.38 -16.45
C PRO B 148 -17.59 9.72 -17.82
N MET B 149 -18.66 9.53 -18.59
CA MET B 149 -18.61 9.11 -20.02
C MET B 149 -19.76 9.76 -20.77
N HIS B 150 -19.46 10.45 -21.87
CA HIS B 150 -20.44 11.07 -22.79
C HIS B 150 -20.31 10.40 -24.16
N TYR B 151 -21.39 10.38 -24.94
CA TYR B 151 -21.42 9.83 -26.32
C TYR B 151 -22.34 10.71 -27.18
N TYR B 152 -22.22 10.57 -28.50
CA TYR B 152 -22.84 11.46 -29.52
C TYR B 152 -22.98 10.67 -30.82
N ARG B 153 -24.20 10.25 -31.13
CA ARG B 153 -24.57 9.46 -32.35
C ARG B 153 -24.29 10.31 -33.59
N THR B 154 -23.54 9.74 -34.54
CA THR B 154 -23.37 10.25 -35.93
C THR B 154 -23.90 9.19 -36.90
N LYS B 155 -23.94 9.49 -38.20
CA LYS B 155 -24.42 8.55 -39.26
C LYS B 155 -23.48 7.34 -39.31
N ASP B 156 -24.00 6.16 -38.92
CA ASP B 156 -23.27 4.86 -38.91
C ASP B 156 -21.98 5.00 -38.09
N GLY B 157 -22.01 5.79 -37.02
CA GLY B 157 -20.83 6.08 -36.17
C GLY B 157 -21.23 6.61 -34.80
N LEU B 158 -20.23 6.84 -33.94
CA LEU B 158 -20.40 7.33 -32.55
C LEU B 158 -19.17 8.14 -32.15
N LEU B 159 -19.36 9.26 -31.44
CA LEU B 159 -18.29 10.06 -30.78
C LEU B 159 -18.49 10.00 -29.26
N PHE B 160 -17.45 9.64 -28.51
CA PHE B 160 -17.48 9.52 -27.04
C PHE B 160 -16.21 10.13 -26.42
N GLY B 161 -16.31 10.50 -25.14
CA GLY B 161 -15.19 11.07 -24.35
C GLY B 161 -15.64 11.46 -22.96
N SER B 162 -14.71 11.39 -21.99
CA SER B 162 -14.93 11.68 -20.55
C SER B 162 -15.74 12.97 -20.38
N GLU B 163 -15.25 14.07 -20.96
CA GLU B 163 -15.85 15.43 -20.84
C GLU B 163 -16.47 15.83 -22.18
N PRO B 164 -17.60 16.58 -22.16
CA PRO B 164 -18.23 17.07 -23.39
C PRO B 164 -17.28 17.71 -24.42
N LYS B 165 -16.26 18.44 -23.96
CA LYS B 165 -15.27 19.17 -24.80
C LYS B 165 -14.55 18.20 -25.75
N ALA B 166 -14.42 16.92 -25.37
CA ALA B 166 -13.80 15.85 -26.18
C ALA B 166 -14.61 15.61 -27.47
N ILE B 167 -15.93 15.73 -27.39
CA ILE B 167 -16.87 15.52 -28.54
C ILE B 167 -17.00 16.84 -29.33
N LEU B 168 -17.15 17.96 -28.61
CA LEU B 168 -17.29 19.32 -29.22
C LEU B 168 -16.05 19.67 -30.05
N ALA B 169 -14.89 19.10 -29.69
CA ALA B 169 -13.59 19.31 -30.38
C ALA B 169 -13.62 18.71 -31.79
N HIS B 170 -14.50 17.73 -32.06
CA HIS B 170 -14.66 17.07 -33.39
C HIS B 170 -15.27 18.07 -34.38
N PRO B 171 -14.70 18.21 -35.59
CA PRO B 171 -15.12 19.27 -36.52
C PRO B 171 -16.56 19.13 -37.06
N ASP B 172 -17.09 17.91 -37.12
CA ASP B 172 -18.46 17.60 -37.61
C ASP B 172 -19.49 17.96 -36.54
N VAL B 173 -19.08 18.07 -35.27
CA VAL B 173 -19.94 18.50 -34.13
C VAL B 173 -19.96 20.03 -34.09
N LYS B 174 -21.15 20.63 -34.07
CA LYS B 174 -21.38 22.09 -33.85
C LYS B 174 -21.98 22.28 -32.46
N PRO B 175 -21.50 23.27 -31.67
CA PRO B 175 -21.96 23.46 -30.29
C PRO B 175 -23.37 24.05 -30.23
N VAL B 176 -24.39 23.18 -30.31
CA VAL B 176 -25.83 23.56 -30.27
C VAL B 176 -26.35 23.26 -28.86
N VAL B 177 -27.16 24.18 -28.31
CA VAL B 177 -27.97 23.99 -27.08
C VAL B 177 -29.42 24.32 -27.43
N ASP B 178 -30.30 23.31 -27.44
CA ASP B 178 -31.77 23.47 -27.62
C ASP B 178 -32.37 23.79 -26.25
N MET B 179 -33.70 23.94 -26.18
CA MET B 179 -34.43 24.35 -24.95
C MET B 179 -34.37 23.23 -23.89
N GLU B 180 -34.44 21.97 -24.31
CA GLU B 180 -34.37 20.79 -23.39
C GLU B 180 -32.97 20.75 -22.76
N GLY B 181 -31.96 21.32 -23.43
CA GLY B 181 -30.59 21.51 -22.90
C GLY B 181 -30.55 22.64 -21.88
N MET B 182 -31.17 23.78 -22.20
CA MET B 182 -31.26 24.97 -21.31
C MET B 182 -32.04 24.60 -20.04
N ARG B 183 -33.06 23.75 -20.16
CA ARG B 183 -33.90 23.28 -19.03
C ARG B 183 -33.04 22.48 -18.05
N GLN B 184 -32.14 21.63 -18.56
CA GLN B 184 -31.18 20.84 -17.75
C GLN B 184 -30.08 21.77 -17.24
N LEU B 185 -29.69 22.78 -18.02
CA LEU B 185 -28.68 23.79 -17.63
C LEU B 185 -29.20 24.63 -16.46
N PHE B 186 -30.50 24.95 -16.46
CA PHE B 186 -31.18 25.77 -15.42
C PHE B 186 -31.92 24.84 -14.44
N SER B 187 -31.61 23.55 -14.45
CA SER B 187 -32.08 22.55 -13.45
C SER B 187 -31.27 22.70 -12.15
N PHE B 188 -31.70 22.02 -11.08
CA PHE B 188 -31.06 22.05 -9.75
C PHE B 188 -30.80 20.62 -9.26
N PHE B 189 -29.55 20.16 -9.37
CA PHE B 189 -29.03 18.86 -8.84
C PHE B 189 -29.93 17.70 -9.28
N THR B 190 -30.34 17.70 -10.56
CA THR B 190 -31.15 16.61 -11.19
C THR B 190 -30.31 15.94 -12.28
N SER B 191 -30.24 14.61 -12.25
CA SER B 191 -29.59 13.76 -13.28
C SER B 191 -30.41 13.78 -14.58
N SER B 192 -29.78 13.46 -15.71
CA SER B 192 -30.40 13.38 -17.06
C SER B 192 -29.46 12.66 -18.02
N GLU B 193 -30.02 12.00 -19.03
CA GLU B 193 -29.26 11.38 -20.15
C GLU B 193 -28.92 12.46 -21.19
N ASN B 194 -29.37 13.70 -20.96
CA ASN B 194 -29.12 14.88 -21.84
C ASN B 194 -28.01 15.73 -21.24
N ALA B 195 -26.93 15.96 -21.98
CA ALA B 195 -25.68 16.60 -21.51
C ALA B 195 -25.70 18.12 -21.73
N VAL B 196 -26.88 18.70 -21.97
CA VAL B 196 -27.12 20.14 -22.26
C VAL B 196 -26.76 20.42 -23.73
N TRP B 197 -25.68 19.82 -24.24
CA TRP B 197 -25.27 19.91 -25.67
C TRP B 197 -26.21 19.04 -26.52
N ALA B 198 -26.87 19.67 -27.50
CA ALA B 198 -27.88 19.02 -28.39
C ALA B 198 -27.33 17.69 -28.91
N ASP B 199 -28.09 16.60 -28.71
CA ASP B 199 -27.84 15.24 -29.23
C ASP B 199 -26.66 14.58 -28.49
N MET B 200 -26.03 15.27 -27.55
CA MET B 200 -24.95 14.70 -26.69
C MET B 200 -25.58 14.10 -25.43
N LYS B 201 -25.22 12.84 -25.12
CA LYS B 201 -25.86 12.03 -24.05
C LYS B 201 -24.85 11.76 -22.93
N VAL B 202 -25.34 11.68 -21.69
CA VAL B 202 -24.58 11.26 -20.47
C VAL B 202 -24.90 9.79 -20.20
N MET B 203 -23.88 8.93 -20.17
CA MET B 203 -24.02 7.49 -19.82
C MET B 203 -24.63 7.39 -18.42
N THR B 204 -25.71 6.61 -18.29
CA THR B 204 -26.31 6.24 -16.97
C THR B 204 -25.31 5.37 -16.22
N PRO B 205 -25.01 5.67 -14.93
CA PRO B 205 -24.17 4.80 -14.12
C PRO B 205 -24.71 3.36 -14.08
N GLY B 206 -23.80 2.38 -14.09
CA GLY B 206 -24.14 0.94 -13.97
C GLY B 206 -24.73 0.38 -15.25
N THR B 207 -24.37 0.96 -16.41
CA THR B 207 -24.80 0.50 -17.75
C THR B 207 -23.57 0.13 -18.59
N VAL B 208 -23.80 -0.57 -19.70
CA VAL B 208 -22.79 -0.89 -20.75
C VAL B 208 -23.43 -0.64 -22.11
N ILE B 209 -22.89 0.31 -22.88
CA ILE B 209 -23.32 0.60 -24.28
C ILE B 209 -22.43 -0.18 -25.24
N GLU B 210 -22.98 -1.21 -25.89
CA GLU B 210 -22.35 -1.93 -27.02
C GLU B 210 -22.77 -1.23 -28.32
N PHE B 211 -21.80 -0.83 -29.15
CA PHE B 211 -22.03 -0.17 -30.46
C PHE B 211 -21.28 -0.95 -31.56
N ASP B 212 -22.00 -1.37 -32.60
CA ASP B 212 -21.43 -1.99 -33.83
C ASP B 212 -22.30 -1.60 -35.04
N ARG B 213 -22.10 -2.25 -36.19
CA ARG B 213 -22.82 -2.00 -37.46
C ARG B 213 -24.34 -2.00 -37.22
N ASN B 214 -24.83 -2.92 -36.40
CA ASN B 214 -26.27 -3.14 -36.11
C ASN B 214 -26.83 -1.95 -35.32
N GLY B 215 -25.98 -1.24 -34.56
CA GLY B 215 -26.36 0.02 -33.88
C GLY B 215 -25.88 0.08 -32.44
N LEU B 216 -26.63 0.75 -31.57
CA LEU B 216 -26.25 1.06 -30.15
C LEU B 216 -27.18 0.32 -29.18
N ARG B 217 -26.61 -0.56 -28.35
CA ARG B 217 -27.34 -1.40 -27.36
C ARG B 217 -26.89 -1.03 -25.95
N GLU B 218 -27.79 -0.45 -25.15
CA GLU B 218 -27.57 -0.12 -23.72
C GLU B 218 -28.14 -1.24 -22.86
N HIS B 219 -27.46 -1.64 -21.79
CA HIS B 219 -27.97 -2.62 -20.79
C HIS B 219 -27.45 -2.28 -19.39
N THR B 220 -28.36 -2.24 -18.41
CA THR B 220 -28.09 -1.97 -16.98
C THR B 220 -27.56 -3.24 -16.33
N TYR B 221 -26.29 -3.25 -15.89
CA TYR B 221 -25.63 -4.40 -15.24
C TYR B 221 -25.73 -4.28 -13.71
N TRP B 222 -26.14 -3.12 -13.19
CA TRP B 222 -26.39 -2.91 -11.74
C TRP B 222 -27.28 -1.68 -11.49
N GLN B 223 -28.31 -1.86 -10.66
CA GLN B 223 -29.15 -0.80 -10.06
C GLN B 223 -29.52 -1.21 -8.63
N LEU B 224 -29.97 -0.27 -7.79
CA LEU B 224 -30.43 -0.56 -6.41
C LEU B 224 -31.65 -1.49 -6.48
N SER B 225 -31.74 -2.44 -5.55
CA SER B 225 -32.87 -3.39 -5.40
C SER B 225 -33.36 -3.42 -3.95
N ALA B 226 -34.68 -3.38 -3.76
CA ALA B 226 -35.36 -3.51 -2.44
C ALA B 226 -35.29 -4.97 -1.97
N GLU B 227 -34.72 -5.21 -0.79
CA GLU B 227 -34.45 -6.58 -0.25
C GLU B 227 -34.56 -6.57 1.29
N GLU B 228 -34.99 -7.70 1.87
CA GLU B 228 -35.07 -7.93 3.33
C GLU B 228 -33.71 -7.62 3.98
N HIS B 229 -33.71 -6.86 5.08
CA HIS B 229 -32.55 -6.60 5.97
C HIS B 229 -32.74 -7.37 7.28
N THR B 230 -32.05 -8.50 7.44
CA THR B 230 -32.23 -9.47 8.56
C THR B 230 -31.34 -9.07 9.75
N ASP B 231 -30.22 -8.39 9.51
CA ASP B 231 -29.23 -7.99 10.54
C ASP B 231 -29.86 -6.99 11.52
N ASP B 232 -29.59 -7.15 12.83
CA ASP B 232 -30.06 -6.23 13.90
C ASP B 232 -29.12 -5.01 13.96
N LEU B 233 -29.39 -4.07 14.87
CA LEU B 233 -28.70 -2.75 14.96
C LEU B 233 -27.19 -2.94 15.14
N ASP B 234 -26.79 -3.76 16.12
CA ASP B 234 -25.36 -3.96 16.51
C ASP B 234 -24.60 -4.58 15.33
N THR B 235 -25.16 -5.61 14.69
CA THR B 235 -24.59 -6.29 13.50
C THR B 235 -24.45 -5.28 12.35
N THR B 236 -25.49 -4.47 12.11
CA THR B 236 -25.55 -3.45 11.02
C THR B 236 -24.42 -2.43 11.19
N VAL B 237 -24.23 -1.91 12.41
CA VAL B 237 -23.17 -0.92 12.76
C VAL B 237 -21.80 -1.55 12.51
N ALA B 238 -21.62 -2.82 12.91
CA ALA B 238 -20.37 -3.60 12.75
C ALA B 238 -20.07 -3.83 11.27
N ARG B 239 -21.10 -4.19 10.48
CA ARG B 239 -20.98 -4.48 9.03
C ARG B 239 -20.67 -3.18 8.26
N VAL B 240 -21.27 -2.06 8.67
CA VAL B 240 -20.99 -0.71 8.09
C VAL B 240 -19.50 -0.41 8.27
N ARG B 241 -18.97 -0.65 9.47
CA ARG B 241 -17.55 -0.38 9.83
C ARG B 241 -16.63 -1.22 8.94
N GLN B 242 -16.93 -2.53 8.82
CA GLN B 242 -16.16 -3.51 8.01
C GLN B 242 -16.07 -3.05 6.54
N MET B 243 -17.16 -2.52 5.99
CA MET B 243 -17.27 -2.11 4.55
C MET B 243 -16.55 -0.78 4.33
N VAL B 244 -16.70 0.18 5.26
CA VAL B 244 -16.02 1.51 5.19
C VAL B 244 -14.51 1.31 5.38
N GLU B 245 -14.10 0.33 6.20
CA GLU B 245 -12.68 0.05 6.51
C GLU B 245 -12.04 -0.74 5.36
N ASP B 246 -12.77 -1.69 4.76
CA ASP B 246 -12.32 -2.47 3.58
C ASP B 246 -12.13 -1.51 2.39
N ASN B 247 -13.10 -0.63 2.16
CA ASN B 247 -13.08 0.38 1.06
C ASN B 247 -11.88 1.32 1.25
N VAL B 248 -11.72 1.90 2.45
CA VAL B 248 -10.60 2.82 2.79
C VAL B 248 -9.26 2.12 2.53
N ARG B 249 -9.11 0.88 3.03
CA ARG B 249 -7.88 0.05 2.91
C ARG B 249 -7.49 -0.11 1.44
N HIS B 250 -8.47 -0.45 0.58
CA HIS B 250 -8.27 -0.79 -0.86
C HIS B 250 -7.98 0.47 -1.69
N GLU B 251 -8.48 1.64 -1.27
CA GLU B 251 -8.36 2.92 -2.03
C GLU B 251 -7.15 3.73 -1.55
N LEU B 252 -6.25 3.12 -0.76
CA LEU B 252 -4.96 3.71 -0.32
C LEU B 252 -3.81 3.18 -1.18
N VAL B 253 -4.11 2.27 -2.11
CA VAL B 253 -3.12 1.58 -2.99
C VAL B 253 -2.75 2.49 -4.16
N ALA B 254 -1.52 3.00 -4.18
CA ALA B 254 -0.98 3.92 -5.21
C ALA B 254 0.54 3.85 -5.24
N ASP B 255 1.16 4.29 -6.34
CA ASP B 255 2.64 4.36 -6.52
C ASP B 255 3.10 5.83 -6.43
N VAL B 256 2.23 6.73 -5.97
CA VAL B 256 2.47 8.20 -5.93
C VAL B 256 2.02 8.73 -4.56
N PRO B 257 2.38 9.99 -4.20
CA PRO B 257 1.95 10.58 -2.92
C PRO B 257 0.41 10.69 -2.83
N LEU B 258 -0.16 10.20 -1.73
CA LEU B 258 -1.62 10.16 -1.46
C LEU B 258 -1.94 11.00 -0.23
N GLY B 259 -3.12 11.65 -0.21
CA GLY B 259 -3.55 12.57 0.86
C GLY B 259 -5.00 12.34 1.26
N LEU B 260 -5.48 13.12 2.25
CA LEU B 260 -6.84 13.02 2.86
C LEU B 260 -7.43 14.42 2.97
N LEU B 261 -8.67 14.61 2.50
CA LEU B 261 -9.42 15.90 2.58
C LEU B 261 -10.21 15.93 3.90
N LEU B 262 -9.75 16.75 4.86
CA LEU B 262 -10.30 16.81 6.24
C LEU B 262 -11.00 18.15 6.47
N SER B 263 -12.35 18.14 6.46
CA SER B 263 -13.22 19.32 6.67
C SER B 263 -13.45 19.53 8.17
N GLY B 264 -13.53 18.45 8.94
CA GLY B 264 -13.81 18.46 10.40
C GLY B 264 -15.09 17.71 10.73
N GLY B 265 -15.96 17.48 9.74
CA GLY B 265 -17.24 16.75 9.88
C GLY B 265 -17.01 15.27 10.15
N LEU B 266 -18.09 14.54 10.46
CA LEU B 266 -18.06 13.09 10.80
C LEU B 266 -17.64 12.27 9.57
N ASP B 267 -17.96 12.75 8.37
CA ASP B 267 -17.70 12.04 7.07
C ASP B 267 -16.19 11.93 6.85
N SER B 268 -15.50 13.08 6.74
CA SER B 268 -14.06 13.19 6.43
C SER B 268 -13.21 12.65 7.60
N SER B 269 -13.59 12.98 8.84
CA SER B 269 -12.94 12.49 10.09
C SER B 269 -12.89 10.97 10.10
N ALA B 270 -14.03 10.31 9.84
CA ALA B 270 -14.18 8.83 9.82
C ALA B 270 -13.19 8.22 8.82
N LEU B 271 -13.10 8.78 7.61
CA LEU B 271 -12.18 8.32 6.55
C LEU B 271 -10.73 8.57 7.01
N ALA B 272 -10.41 9.82 7.36
CA ALA B 272 -9.08 10.27 7.85
C ALA B 272 -8.56 9.31 8.94
N GLY B 273 -9.38 9.04 9.96
CA GLY B 273 -9.03 8.21 11.12
C GLY B 273 -8.71 6.77 10.73
N ILE B 274 -9.57 6.17 9.90
CA ILE B 274 -9.42 4.76 9.40
C ILE B 274 -8.19 4.69 8.47
N ALA B 275 -8.01 5.71 7.62
CA ALA B 275 -6.92 5.80 6.63
C ALA B 275 -5.56 5.83 7.35
N SER B 276 -5.43 6.67 8.37
CA SER B 276 -4.19 6.86 9.18
C SER B 276 -3.71 5.51 9.75
N ARG B 277 -4.64 4.72 10.30
CA ARG B 277 -4.36 3.39 10.90
C ARG B 277 -3.78 2.45 9.85
N HIS B 278 -4.31 2.49 8.62
CA HIS B 278 -3.88 1.64 7.48
C HIS B 278 -2.56 2.15 6.90
N LEU B 279 -2.46 3.46 6.67
CA LEU B 279 -1.23 4.13 6.16
C LEU B 279 -0.05 3.81 7.09
N THR B 280 -0.22 4.04 8.40
CA THR B 280 0.81 3.85 9.46
C THR B 280 1.30 2.39 9.45
N ALA B 281 0.39 1.43 9.21
CA ALA B 281 0.67 -0.02 9.21
C ALA B 281 1.56 -0.40 8.02
N LYS B 282 1.52 0.39 6.94
CA LYS B 282 2.32 0.15 5.69
C LYS B 282 3.56 1.07 5.67
N GLY B 283 3.86 1.74 6.79
CA GLY B 283 5.04 2.62 6.93
C GLY B 283 4.88 3.94 6.21
N GLU B 284 3.64 4.32 5.87
CA GLU B 284 3.30 5.59 5.17
C GLU B 284 2.67 6.56 6.19
N ARG B 285 2.65 7.85 5.86
CA ARG B 285 2.15 8.94 6.75
C ARG B 285 0.78 9.42 6.26
N ALA B 286 -0.04 9.93 7.20
CA ALA B 286 -1.33 10.60 6.92
C ALA B 286 -1.05 12.06 6.54
N ARG B 287 -1.55 12.49 5.39
CA ARG B 287 -1.43 13.88 4.89
C ARG B 287 -2.85 14.47 4.74
N THR B 288 -3.23 15.38 5.64
CA THR B 288 -4.58 15.99 5.73
C THR B 288 -4.55 17.43 5.19
N PHE B 289 -5.69 17.91 4.67
CA PHE B 289 -5.85 19.26 4.05
C PHE B 289 -7.23 19.83 4.41
N SER B 290 -7.28 21.13 4.69
CA SER B 290 -8.51 21.89 5.09
C SER B 290 -8.60 23.20 4.29
N VAL B 291 -9.83 23.64 3.98
CA VAL B 291 -10.12 24.88 3.21
C VAL B 291 -10.41 26.02 4.19
N PRO B 312 -10.88 23.93 12.56
CA PRO B 312 -11.22 23.90 13.99
C PRO B 312 -11.44 22.46 14.48
N TYR B 313 -12.53 21.81 14.04
CA TYR B 313 -12.79 20.36 14.27
C TYR B 313 -11.80 19.54 13.43
N ALA B 314 -11.39 20.08 12.28
CA ALA B 314 -10.36 19.53 11.38
C ALA B 314 -9.01 19.47 12.11
N LYS B 315 -8.59 20.60 12.70
CA LYS B 315 -7.30 20.75 13.43
C LYS B 315 -7.27 19.78 14.63
N GLU B 316 -8.42 19.55 15.27
CA GLU B 316 -8.58 18.64 16.44
C GLU B 316 -8.39 17.18 15.98
N MET B 317 -9.06 16.78 14.89
CA MET B 317 -9.01 15.40 14.34
C MET B 317 -7.61 15.13 13.76
N ALA B 318 -6.96 16.16 13.20
CA ALA B 318 -5.60 16.10 12.64
C ALA B 318 -4.60 15.77 13.75
N ALA B 319 -4.65 16.53 14.84
CA ALA B 319 -3.81 16.35 16.05
C ALA B 319 -4.04 14.97 16.67
N HIS B 320 -5.31 14.52 16.71
CA HIS B 320 -5.73 13.21 17.27
C HIS B 320 -5.06 12.06 16.49
N ILE B 321 -5.18 12.06 15.16
CA ILE B 321 -4.57 11.05 14.24
C ILE B 321 -3.05 11.23 14.24
N GLY B 322 -2.57 12.47 14.33
CA GLY B 322 -1.13 12.81 14.32
C GLY B 322 -0.61 12.93 12.90
N SER B 323 -1.42 13.49 12.00
CA SER B 323 -1.18 13.57 10.54
C SER B 323 -0.39 14.85 10.21
N GLU B 324 0.23 14.88 9.02
CA GLU B 324 0.87 16.08 8.43
C GLU B 324 -0.24 16.98 7.88
N HIS B 325 -0.68 17.98 8.64
CA HIS B 325 -1.83 18.86 8.30
C HIS B 325 -1.35 20.08 7.52
N HIS B 326 -2.23 20.60 6.64
CA HIS B 326 -2.04 21.83 5.83
C HIS B 326 -3.34 22.65 5.86
N ASP B 327 -3.26 23.92 6.29
CA ASP B 327 -4.41 24.86 6.36
C ASP B 327 -4.39 25.74 5.10
N ILE B 328 -5.15 25.35 4.07
CA ILE B 328 -5.35 26.13 2.82
C ILE B 328 -6.27 27.32 3.12
N VAL B 329 -5.70 28.52 3.28
CA VAL B 329 -6.44 29.80 3.53
C VAL B 329 -6.76 30.43 2.17
N LEU B 330 -8.06 30.54 1.84
CA LEU B 330 -8.57 31.09 0.55
C LEU B 330 -9.12 32.51 0.78
N ASP B 331 -8.46 33.52 0.22
CA ASP B 331 -8.90 34.95 0.27
C ASP B 331 -10.11 35.13 -0.65
N HIS B 332 -11.03 36.02 -0.28
CA HIS B 332 -12.24 36.40 -1.07
C HIS B 332 -11.82 36.86 -2.47
N ARG B 333 -10.66 37.54 -2.57
CA ARG B 333 -10.05 38.03 -3.83
C ARG B 333 -9.86 36.85 -4.81
N ARG B 334 -9.42 35.69 -4.31
CA ARG B 334 -9.14 34.47 -5.11
C ARG B 334 -10.46 33.83 -5.58
N LEU B 335 -11.49 33.86 -4.73
CA LEU B 335 -12.81 33.23 -5.00
C LEU B 335 -13.60 34.09 -6.01
N SER B 336 -13.42 35.41 -5.98
CA SER B 336 -14.08 36.39 -6.89
C SER B 336 -13.25 36.60 -8.16
N ASP B 337 -12.07 35.97 -8.24
CA ASP B 337 -11.10 36.10 -9.37
C ASP B 337 -11.80 35.74 -10.68
N PRO B 338 -11.92 36.68 -11.65
CA PRO B 338 -12.50 36.38 -12.96
C PRO B 338 -11.84 35.18 -13.66
N ASP B 339 -10.51 35.04 -13.53
CA ASP B 339 -9.70 33.98 -14.17
C ASP B 339 -10.01 32.62 -13.53
N LEU B 340 -10.36 32.59 -12.24
CA LEU B 340 -10.77 31.35 -11.52
C LEU B 340 -12.06 30.81 -12.15
N ARG B 341 -13.04 31.69 -12.39
CA ARG B 341 -14.35 31.34 -13.01
C ARG B 341 -14.10 30.76 -14.41
N ARG B 342 -13.26 31.43 -15.21
CA ARG B 342 -12.90 31.01 -16.60
C ARG B 342 -12.41 29.55 -16.57
N SER B 343 -11.54 29.20 -15.61
CA SER B 343 -11.01 27.83 -15.40
C SER B 343 -12.15 26.88 -15.03
N VAL B 344 -12.96 27.25 -14.04
CA VAL B 344 -14.11 26.44 -13.51
C VAL B 344 -15.12 26.18 -14.64
N VAL B 345 -15.50 27.22 -15.39
CA VAL B 345 -16.49 27.14 -16.51
C VAL B 345 -15.91 26.31 -17.66
N ALA B 346 -14.60 26.41 -17.90
CA ALA B 346 -13.88 25.65 -18.95
C ALA B 346 -13.87 24.16 -18.60
N ALA B 347 -13.63 23.83 -17.33
CA ALA B 347 -13.58 22.44 -16.79
C ALA B 347 -14.95 21.79 -16.92
N TRP B 348 -15.98 22.43 -16.34
CA TRP B 348 -17.40 21.99 -16.39
C TRP B 348 -17.90 21.88 -17.84
N ASP B 349 -17.46 22.80 -18.70
CA ASP B 349 -17.90 22.94 -20.12
C ASP B 349 -19.20 23.74 -20.20
N LEU B 350 -19.80 24.10 -19.05
CA LEU B 350 -21.15 24.71 -18.96
C LEU B 350 -21.17 25.77 -17.87
N PRO B 351 -22.09 26.76 -17.94
CA PRO B 351 -22.29 27.73 -16.87
C PRO B 351 -23.35 27.29 -15.86
N TRP B 352 -22.93 26.69 -14.74
CA TRP B 352 -23.82 26.11 -13.70
C TRP B 352 -24.19 27.16 -12.64
N GLY B 353 -23.37 28.21 -12.48
CA GLY B 353 -23.63 29.31 -11.53
C GLY B 353 -23.68 28.82 -10.10
N MET B 354 -22.74 27.95 -9.72
CA MET B 354 -22.56 27.42 -8.34
C MET B 354 -21.58 28.32 -7.58
N GLY B 355 -20.55 28.83 -8.29
CA GLY B 355 -19.62 29.87 -7.80
C GLY B 355 -18.80 29.40 -6.61
N ASP B 356 -19.06 29.98 -5.43
CA ASP B 356 -18.32 29.73 -4.16
C ASP B 356 -18.04 28.22 -4.03
N ILE B 357 -19.06 27.38 -4.27
CA ILE B 357 -18.99 25.90 -4.14
C ILE B 357 -17.87 25.35 -5.04
N ASN B 358 -17.87 25.72 -6.33
CA ASN B 358 -16.89 25.23 -7.34
C ASN B 358 -15.53 25.92 -7.11
N GLY B 359 -15.52 27.25 -7.08
CA GLY B 359 -14.29 28.07 -6.96
C GLY B 359 -13.42 27.61 -5.81
N SER B 360 -14.01 27.49 -4.62
CA SER B 360 -13.33 27.02 -3.37
C SER B 360 -12.79 25.60 -3.57
N MET B 361 -13.59 24.73 -4.21
CA MET B 361 -13.25 23.31 -4.46
C MET B 361 -12.07 23.22 -5.44
N TYR B 362 -12.03 24.09 -6.47
CA TYR B 362 -10.92 24.16 -7.45
C TYR B 362 -9.62 24.54 -6.73
N LEU B 363 -9.61 25.71 -6.08
CA LEU B 363 -8.44 26.28 -5.38
C LEU B 363 -7.96 25.31 -4.29
N LEU B 364 -8.90 24.59 -3.65
CA LEU B 364 -8.60 23.54 -2.64
C LEU B 364 -7.78 22.42 -3.28
N PHE B 365 -8.31 21.82 -4.36
CA PHE B 365 -7.67 20.70 -5.09
C PHE B 365 -6.33 21.14 -5.70
N LYS B 366 -6.25 22.38 -6.18
CA LYS B 366 -5.01 22.97 -6.77
C LYS B 366 -3.92 23.02 -5.68
N ALA B 367 -4.28 23.46 -4.47
CA ALA B 367 -3.38 23.55 -3.30
C ALA B 367 -2.98 22.15 -2.85
N VAL B 368 -3.92 21.20 -2.88
CA VAL B 368 -3.71 19.76 -2.51
C VAL B 368 -2.75 19.12 -3.52
N ARG B 369 -2.93 19.40 -4.82
CA ARG B 369 -2.20 18.75 -5.95
C ARG B 369 -0.69 18.99 -5.83
N GLU B 370 -0.28 20.12 -5.24
CA GLU B 370 1.16 20.48 -5.05
C GLU B 370 1.84 19.43 -4.17
N HIS B 371 1.12 18.88 -3.17
CA HIS B 371 1.65 17.95 -2.14
C HIS B 371 1.40 16.49 -2.54
N VAL B 372 0.19 16.16 -2.99
CA VAL B 372 -0.24 14.77 -3.31
C VAL B 372 -0.86 14.73 -4.71
N THR B 373 -0.78 13.57 -5.37
CA THR B 373 -1.40 13.29 -6.70
C THR B 373 -2.78 12.65 -6.50
N VAL B 374 -2.95 11.87 -5.43
CA VAL B 374 -4.24 11.19 -5.07
C VAL B 374 -4.75 11.77 -3.75
N ALA B 375 -6.08 11.92 -3.64
CA ALA B 375 -6.79 12.44 -2.44
C ALA B 375 -8.06 11.62 -2.20
N LEU B 376 -8.31 11.24 -0.95
CA LEU B 376 -9.56 10.58 -0.49
C LEU B 376 -10.53 11.65 0.03
N SER B 377 -11.79 11.62 -0.43
CA SER B 377 -12.88 12.52 0.00
C SER B 377 -14.00 11.70 0.66
N GLY B 378 -14.91 12.37 1.35
CA GLY B 378 -16.10 11.76 1.99
C GLY B 378 -17.38 12.08 1.24
N GLU B 379 -17.27 12.55 -0.01
CA GLU B 379 -18.34 13.21 -0.82
C GLU B 379 -19.69 12.49 -0.66
N ALA B 380 -19.70 11.16 -0.77
CA ALA B 380 -20.92 10.33 -0.92
C ALA B 380 -21.53 9.96 0.45
N ALA B 381 -20.89 10.34 1.56
CA ALA B 381 -21.29 9.96 2.94
C ALA B 381 -22.73 10.39 3.23
N ASP B 382 -23.05 11.66 2.97
CA ASP B 382 -24.35 12.29 3.31
C ASP B 382 -25.50 11.64 2.54
N GLU B 383 -25.22 11.03 1.38
CA GLU B 383 -26.26 10.48 0.45
C GLU B 383 -26.56 9.01 0.79
N ILE B 384 -25.58 8.26 1.32
CA ILE B 384 -25.72 6.80 1.66
C ILE B 384 -26.14 6.63 3.12
N PHE B 385 -25.92 7.64 3.97
CA PHE B 385 -26.26 7.62 5.43
C PHE B 385 -27.40 8.60 5.73
N ALA B 386 -28.00 9.19 4.69
CA ALA B 386 -29.16 10.12 4.77
C ALA B 386 -28.80 11.33 5.65
N GLY B 387 -27.65 11.96 5.37
CA GLY B 387 -27.05 13.03 6.18
C GLY B 387 -27.73 14.38 5.98
N HIS B 388 -28.03 14.76 4.74
CA HIS B 388 -28.66 16.06 4.35
C HIS B 388 -29.94 16.30 5.14
N VAL B 389 -30.34 17.56 5.28
CA VAL B 389 -31.53 18.01 6.06
C VAL B 389 -32.82 17.70 5.29
N TRP B 390 -32.73 17.51 3.97
CA TRP B 390 -33.88 17.12 3.10
C TRP B 390 -34.10 15.60 3.15
N HIS B 391 -33.27 14.86 3.89
CA HIS B 391 -33.51 13.46 4.32
C HIS B 391 -34.33 13.46 5.61
N GLN B 392 -34.09 14.43 6.48
CA GLN B 392 -34.65 14.50 7.86
C GLN B 392 -36.01 15.19 7.84
N SER B 393 -36.14 16.28 7.07
CA SER B 393 -37.39 17.09 6.95
C SER B 393 -38.55 16.22 6.45
N LYS B 394 -39.61 16.11 7.26
CA LYS B 394 -40.88 15.40 6.91
C LYS B 394 -41.50 16.07 5.67
N ALA B 395 -41.42 17.40 5.59
CA ALA B 395 -41.95 18.23 4.48
C ALA B 395 -41.30 17.81 3.16
N ALA B 396 -39.99 17.56 3.17
CA ALA B 396 -39.19 17.11 2.00
C ALA B 396 -39.60 15.69 1.61
N ARG B 397 -39.58 14.75 2.56
CA ARG B 397 -39.86 13.31 2.34
C ARG B 397 -41.30 13.10 1.86
N TYR B 398 -42.26 13.90 2.35
CA TYR B 398 -43.71 13.79 2.04
C TYR B 398 -44.13 14.89 1.06
N GLY B 399 -43.17 15.63 0.50
CA GLY B 399 -43.39 16.63 -0.56
C GLY B 399 -43.51 15.98 -1.92
N GLY B 400 -44.04 16.71 -2.91
CA GLY B 400 -44.35 16.20 -4.26
C GLY B 400 -43.35 16.67 -5.31
N THR B 401 -42.08 16.80 -4.92
CA THR B 401 -40.95 17.24 -5.78
C THR B 401 -39.65 16.71 -5.16
N PHE B 402 -38.52 16.92 -5.83
CA PHE B 402 -37.17 16.51 -5.34
C PHE B 402 -36.96 17.11 -3.95
N PRO B 403 -36.53 16.32 -2.94
CA PRO B 403 -36.39 16.81 -1.57
C PRO B 403 -35.56 18.10 -1.44
N TRP B 404 -34.42 18.17 -2.13
CA TRP B 404 -33.43 19.28 -2.02
C TRP B 404 -34.01 20.58 -2.61
N HIS B 405 -35.08 20.51 -3.40
CA HIS B 405 -35.86 21.68 -3.89
C HIS B 405 -36.66 22.29 -2.73
N THR B 406 -37.46 21.45 -2.05
CA THR B 406 -38.36 21.83 -0.92
C THR B 406 -37.60 22.65 0.13
N THR B 407 -36.33 22.32 0.38
CA THR B 407 -35.48 22.90 1.46
C THR B 407 -34.70 24.13 0.97
N TRP B 408 -34.13 24.09 -0.24
CA TRP B 408 -33.11 25.07 -0.70
C TRP B 408 -33.58 25.92 -1.88
N LEU B 409 -34.09 25.31 -2.95
CA LEU B 409 -34.39 25.98 -4.25
C LEU B 409 -34.92 27.40 -4.04
N LYS B 410 -35.91 27.57 -3.16
CA LYS B 410 -36.65 28.85 -2.90
C LYS B 410 -35.70 30.06 -2.96
N ARG B 411 -34.52 29.94 -2.34
CA ARG B 411 -33.51 31.03 -2.25
C ARG B 411 -32.63 31.03 -3.49
N VAL B 412 -32.25 29.85 -3.99
CA VAL B 412 -31.29 29.67 -5.12
C VAL B 412 -32.04 29.64 -6.46
N ASP B 413 -33.26 30.18 -6.52
CA ASP B 413 -34.09 30.29 -7.74
C ASP B 413 -33.86 31.67 -8.37
N CYS B 414 -33.23 31.72 -9.55
CA CYS B 414 -32.91 32.95 -10.32
C CYS B 414 -34.01 33.26 -11.33
N SER B 415 -35.15 32.53 -11.26
CA SER B 415 -36.32 32.66 -12.17
C SER B 415 -36.82 34.10 -12.23
N ALA B 416 -36.75 34.84 -11.11
CA ALA B 416 -37.23 36.22 -10.96
C ALA B 416 -36.41 37.19 -11.85
N TYR B 417 -35.13 36.88 -12.09
CA TYR B 417 -34.14 37.78 -12.76
C TYR B 417 -33.94 37.37 -14.24
N LEU B 418 -34.75 36.43 -14.74
CA LEU B 418 -34.76 36.03 -16.17
C LEU B 418 -35.82 36.84 -16.91
N THR B 419 -35.67 37.00 -18.23
CA THR B 419 -36.67 37.64 -19.12
C THR B 419 -37.94 36.79 -19.13
N GLY B 420 -39.12 37.42 -19.08
CA GLY B 420 -40.44 36.76 -19.09
C GLY B 420 -40.54 35.74 -20.21
N GLU B 421 -40.06 36.09 -21.40
CA GLU B 421 -40.09 35.23 -22.62
C GLU B 421 -39.35 33.92 -22.35
N PHE B 422 -38.10 34.01 -21.90
CA PHE B 422 -37.21 32.85 -21.63
C PHE B 422 -37.72 32.06 -20.42
N ASN B 423 -38.11 32.77 -19.35
CA ASN B 423 -38.67 32.18 -18.11
C ASN B 423 -39.86 31.29 -18.46
N ALA B 424 -40.73 31.76 -19.37
CA ALA B 424 -41.96 31.07 -19.82
C ALA B 424 -41.61 29.92 -20.77
N ALA B 425 -40.54 30.06 -21.55
CA ALA B 425 -40.05 29.08 -22.54
C ALA B 425 -39.41 27.87 -21.84
N LEU B 426 -38.72 28.10 -20.72
CA LEU B 426 -38.17 27.03 -19.84
C LEU B 426 -39.31 26.10 -19.41
N ASP B 427 -40.29 26.66 -18.70
CA ASP B 427 -41.34 25.90 -17.95
C ASP B 427 -40.62 24.96 -16.98
N SER B 428 -39.77 25.54 -16.11
CA SER B 428 -38.96 24.83 -15.09
C SER B 428 -39.85 23.97 -14.19
N GLU B 429 -41.04 24.48 -13.84
CA GLU B 429 -42.04 23.81 -12.97
C GLU B 429 -42.47 22.49 -13.61
N THR B 430 -42.87 22.52 -14.88
CA THR B 430 -43.33 21.34 -15.69
C THR B 430 -42.16 20.35 -15.85
N TYR B 431 -40.99 20.87 -16.26
CA TYR B 431 -39.75 20.08 -16.49
C TYR B 431 -39.44 19.24 -15.24
N THR B 432 -39.27 19.92 -14.10
CA THR B 432 -38.99 19.29 -12.77
C THR B 432 -40.05 18.23 -12.48
N ALA B 433 -41.33 18.58 -12.59
CA ALA B 433 -42.50 17.70 -12.35
C ALA B 433 -42.35 16.42 -13.18
N ASP B 434 -42.05 16.56 -14.48
CA ASP B 434 -41.77 15.42 -15.40
C ASP B 434 -40.61 14.59 -14.84
N ARG B 435 -39.47 15.24 -14.58
CA ARG B 435 -38.21 14.57 -14.12
C ARG B 435 -38.48 13.81 -12.80
N PHE B 436 -39.26 14.40 -11.89
CA PHE B 436 -39.62 13.80 -10.58
C PHE B 436 -40.48 12.56 -10.79
N GLN B 437 -41.50 12.65 -11.66
CA GLN B 437 -42.43 11.53 -11.99
C GLN B 437 -41.63 10.32 -12.50
N GLU B 438 -40.62 10.57 -13.33
CA GLU B 438 -39.71 9.52 -13.88
C GLU B 438 -38.82 8.99 -12.77
N ALA B 439 -38.35 9.87 -11.87
CA ALA B 439 -37.40 9.56 -10.77
C ALA B 439 -38.07 8.64 -9.75
N THR B 440 -39.30 8.97 -9.32
CA THR B 440 -40.09 8.20 -8.34
C THR B 440 -40.43 6.82 -8.91
N ALA B 441 -40.76 6.75 -10.21
CA ALA B 441 -41.13 5.52 -10.95
C ALA B 441 -39.98 4.51 -10.91
N ARG B 442 -38.73 4.97 -10.83
CA ARG B 442 -37.52 4.11 -10.83
C ARG B 442 -37.28 3.50 -9.43
N VAL B 443 -37.85 4.09 -8.38
CA VAL B 443 -37.60 3.69 -6.96
C VAL B 443 -38.16 2.29 -6.71
N PRO B 444 -37.31 1.29 -6.39
CA PRO B 444 -37.79 -0.05 -6.03
C PRO B 444 -38.30 -0.11 -4.57
N TYR B 445 -39.50 -0.65 -4.38
CA TYR B 445 -40.14 -0.83 -3.04
C TYR B 445 -40.30 -2.31 -2.75
N LEU B 446 -40.13 -2.69 -1.48
CA LEU B 446 -40.48 -4.03 -0.94
C LEU B 446 -41.99 -4.04 -0.69
N ASP B 447 -42.71 -5.05 -1.19
CA ASP B 447 -44.20 -5.12 -1.15
C ASP B 447 -44.65 -5.27 0.31
N GLY B 448 -45.59 -4.43 0.74
CA GLY B 448 -46.19 -4.46 2.10
C GLY B 448 -45.40 -3.64 3.10
N GLU B 449 -44.78 -2.54 2.65
CA GLU B 449 -43.99 -1.61 3.50
C GLU B 449 -44.88 -0.43 3.93
N ASP B 450 -44.62 0.13 5.12
CA ASP B 450 -45.33 1.32 5.65
C ASP B 450 -44.78 2.58 4.99
N GLU B 451 -45.52 3.69 5.06
CA GLU B 451 -45.24 4.95 4.31
C GLU B 451 -43.83 5.45 4.62
N GLU B 452 -43.48 5.60 5.91
CA GLU B 452 -42.17 6.10 6.39
C GLU B 452 -41.02 5.35 5.70
N GLN B 453 -41.10 4.01 5.65
CA GLN B 453 -40.10 3.13 5.00
C GLN B 453 -40.09 3.36 3.49
N ARG B 454 -41.27 3.60 2.89
CA ARG B 454 -41.44 3.86 1.43
C ARG B 454 -40.94 5.27 1.10
N MET B 455 -41.18 6.24 1.99
CA MET B 455 -40.77 7.65 1.82
C MET B 455 -39.25 7.77 2.02
N TYR B 456 -38.67 6.94 2.89
CA TYR B 456 -37.20 6.86 3.12
C TYR B 456 -36.53 6.34 1.84
N ARG B 457 -36.97 5.17 1.36
CA ARG B 457 -36.46 4.52 0.11
C ARG B 457 -36.42 5.56 -1.02
N ARG B 458 -37.54 6.24 -1.25
CA ARG B 458 -37.66 7.33 -2.27
C ARG B 458 -36.60 8.41 -2.00
N SER B 459 -36.56 8.92 -0.76
CA SER B 459 -35.64 9.99 -0.32
C SER B 459 -34.19 9.61 -0.65
N LEU B 460 -33.79 8.39 -0.30
CA LEU B 460 -32.39 7.91 -0.46
C LEU B 460 -32.10 7.62 -1.95
N HIS B 461 -33.03 6.94 -2.63
CA HIS B 461 -32.91 6.56 -4.08
C HIS B 461 -32.72 7.83 -4.92
N LEU B 462 -33.55 8.86 -4.70
CA LEU B 462 -33.44 10.17 -5.39
C LEU B 462 -32.07 10.79 -5.12
N GLY B 463 -31.62 10.74 -3.86
CA GLY B 463 -30.31 11.30 -3.43
C GLY B 463 -29.14 10.64 -4.14
N LEU B 464 -29.24 9.34 -4.42
CA LEU B 464 -28.12 8.51 -4.97
C LEU B 464 -28.10 8.58 -6.50
N ASN B 465 -29.25 8.81 -7.14
CA ASN B 465 -29.42 8.70 -8.61
C ASN B 465 -29.70 10.06 -9.25
N HIS B 466 -29.66 11.15 -8.47
CA HIS B 466 -29.82 12.55 -8.95
C HIS B 466 -28.79 13.45 -8.27
N PHE B 467 -28.95 13.72 -6.98
CA PHE B 467 -28.15 14.71 -6.20
C PHE B 467 -26.68 14.30 -6.19
N MET B 468 -26.40 13.05 -5.82
CA MET B 468 -25.03 12.50 -5.64
C MET B 468 -24.28 12.55 -6.99
N ARG B 469 -24.98 12.32 -8.10
CA ARG B 469 -24.39 12.26 -9.46
C ARG B 469 -23.80 13.62 -9.84
N VAL B 470 -24.55 14.71 -9.60
CA VAL B 470 -24.10 16.11 -9.87
C VAL B 470 -22.85 16.39 -9.02
N LEU B 471 -22.89 16.04 -7.74
CA LEU B 471 -21.76 16.18 -6.77
C LEU B 471 -20.55 15.41 -7.30
N GLU B 472 -20.74 14.13 -7.67
CA GLU B 472 -19.68 13.26 -8.26
C GLU B 472 -19.04 13.96 -9.45
N ASP B 473 -19.85 14.56 -10.33
CA ASP B 473 -19.39 15.30 -11.54
C ASP B 473 -18.61 16.54 -11.11
N ARG B 474 -19.10 17.26 -10.10
CA ARG B 474 -18.45 18.45 -9.51
C ARG B 474 -17.03 18.08 -9.06
N VAL B 475 -16.94 17.11 -8.13
CA VAL B 475 -15.65 16.62 -7.54
C VAL B 475 -14.71 16.21 -8.68
N ASP B 476 -15.21 15.45 -9.66
CA ASP B 476 -14.44 14.88 -10.81
C ASP B 476 -13.87 16.02 -11.67
N ARG B 477 -14.73 16.93 -12.14
CA ARG B 477 -14.36 18.04 -13.07
C ARG B 477 -13.33 18.96 -12.40
N MET B 478 -13.63 19.44 -11.19
CA MET B 478 -12.81 20.45 -10.46
C MET B 478 -11.46 19.84 -10.06
N ALA B 479 -11.40 18.53 -9.81
CA ALA B 479 -10.18 17.80 -9.40
C ALA B 479 -9.31 17.48 -10.62
N MET B 480 -9.92 16.96 -11.69
CA MET B 480 -9.22 16.56 -12.94
C MET B 480 -8.68 17.80 -13.66
N ALA B 481 -9.37 18.95 -13.52
CA ALA B 481 -8.95 20.26 -14.06
C ALA B 481 -7.59 20.66 -13.47
N VAL B 482 -7.32 20.29 -12.21
CA VAL B 482 -6.07 20.60 -11.47
C VAL B 482 -5.06 19.46 -11.64
N GLY B 483 -5.53 18.26 -12.00
CA GLY B 483 -4.70 17.06 -12.23
C GLY B 483 -4.66 16.15 -11.02
N LEU B 484 -5.73 16.14 -10.23
CA LEU B 484 -5.84 15.41 -8.93
C LEU B 484 -6.85 14.28 -9.09
N GLU B 485 -6.45 13.04 -8.78
CA GLU B 485 -7.36 11.86 -8.71
C GLU B 485 -8.08 11.90 -7.35
N THR B 486 -9.38 12.19 -7.35
CA THR B 486 -10.24 12.24 -6.14
C THR B 486 -10.95 10.90 -5.98
N ARG B 487 -10.60 10.15 -4.93
CA ARG B 487 -11.20 8.84 -4.58
C ARG B 487 -12.29 9.05 -3.52
N VAL B 488 -13.28 8.14 -3.49
CA VAL B 488 -14.51 8.27 -2.66
C VAL B 488 -14.85 6.89 -2.09
N PRO B 489 -14.24 6.50 -0.95
CA PRO B 489 -14.50 5.19 -0.32
C PRO B 489 -15.97 4.92 0.02
N PHE B 490 -16.74 5.97 0.33
CA PHE B 490 -18.17 5.88 0.74
C PHE B 490 -19.05 5.69 -0.50
N CYS B 491 -18.59 6.15 -1.67
CA CYS B 491 -19.31 6.08 -2.97
C CYS B 491 -19.15 4.68 -3.56
N ASP B 492 -19.53 3.65 -2.80
CA ASP B 492 -19.43 2.21 -3.17
C ASP B 492 -20.84 1.66 -3.33
N TYR B 493 -21.01 0.67 -4.22
CA TYR B 493 -22.31 0.07 -4.61
C TYR B 493 -22.77 -0.87 -3.48
N ARG B 494 -21.86 -1.68 -2.94
CA ARG B 494 -22.14 -2.66 -1.86
C ARG B 494 -22.68 -1.91 -0.63
N LEU B 495 -21.98 -0.84 -0.23
CA LEU B 495 -22.32 -0.01 0.95
C LEU B 495 -23.67 0.69 0.71
N ALA B 496 -23.92 1.15 -0.52
CA ALA B 496 -25.17 1.82 -0.96
C ALA B 496 -26.33 0.82 -0.96
N GLN B 497 -26.13 -0.35 -1.58
CA GLN B 497 -27.14 -1.44 -1.70
C GLN B 497 -27.58 -1.90 -0.30
N TYR B 498 -26.63 -1.98 0.65
CA TYR B 498 -26.84 -2.47 2.03
C TYR B 498 -27.66 -1.43 2.83
N LEU B 499 -27.18 -0.18 2.87
CA LEU B 499 -27.78 0.94 3.64
C LEU B 499 -29.13 1.34 3.04
N TYR B 500 -29.37 1.05 1.77
CA TYR B 500 -30.66 1.29 1.07
C TYR B 500 -31.76 0.43 1.71
N ASN B 501 -31.41 -0.79 2.14
CA ASN B 501 -32.35 -1.82 2.65
C ASN B 501 -32.44 -1.75 4.18
N VAL B 502 -31.49 -1.08 4.84
CA VAL B 502 -31.53 -0.78 6.31
C VAL B 502 -32.81 0.01 6.57
N PRO B 503 -33.60 -0.34 7.60
CA PRO B 503 -34.76 0.46 8.00
C PRO B 503 -34.40 1.92 8.35
N TRP B 504 -35.34 2.84 8.11
CA TRP B 504 -35.24 4.28 8.48
C TRP B 504 -34.81 4.41 9.95
N THR B 505 -35.48 3.68 10.85
CA THR B 505 -35.29 3.71 12.33
C THR B 505 -33.80 3.60 12.69
N MET B 506 -33.07 2.72 12.00
CA MET B 506 -31.64 2.41 12.29
C MET B 506 -30.74 3.57 11.85
N GLN B 507 -31.03 4.19 10.69
CA GLN B 507 -30.23 5.30 10.10
C GLN B 507 -30.28 6.53 11.02
N THR B 508 -31.30 6.63 11.88
CA THR B 508 -31.52 7.76 12.82
C THR B 508 -31.77 7.24 14.25
N PHE B 509 -31.11 6.14 14.63
CA PHE B 509 -31.39 5.39 15.89
C PHE B 509 -31.01 6.24 17.12
N ASP B 510 -29.99 7.10 17.00
CA ASP B 510 -29.50 7.97 18.10
C ASP B 510 -30.20 9.34 18.05
N GLY B 511 -31.29 9.47 17.28
CA GLY B 511 -32.10 10.70 17.18
C GLY B 511 -31.35 11.84 16.51
N ARG B 512 -30.53 11.51 15.50
CA ARG B 512 -29.76 12.49 14.67
C ARG B 512 -29.32 11.79 13.38
N GLU B 513 -28.86 12.56 12.38
CA GLU B 513 -28.47 12.05 11.04
C GLU B 513 -27.17 11.23 11.15
N LYS B 514 -26.95 10.32 10.20
CA LYS B 514 -25.71 9.50 10.06
C LYS B 514 -25.39 8.81 11.40
N SER B 515 -26.40 8.26 12.07
CA SER B 515 -26.30 7.55 13.37
C SER B 515 -25.44 6.29 13.23
N LEU B 516 -25.63 5.55 12.13
CA LEU B 516 -24.88 4.30 11.83
C LEU B 516 -23.40 4.62 11.60
N LEU B 517 -23.09 5.79 11.03
CA LEU B 517 -21.70 6.25 10.77
C LEU B 517 -21.04 6.70 12.08
N ARG B 518 -21.77 7.41 12.95
CA ARG B 518 -21.31 7.85 14.29
C ARG B 518 -20.89 6.62 15.11
N ALA B 519 -21.78 5.64 15.21
CA ALA B 519 -21.63 4.43 16.07
C ALA B 519 -20.49 3.54 15.56
N SER B 520 -20.19 3.58 14.26
CA SER B 520 -19.15 2.76 13.59
C SER B 520 -17.76 3.38 13.77
N VAL B 521 -17.66 4.72 13.70
CA VAL B 521 -16.38 5.48 13.77
C VAL B 521 -16.28 6.17 15.14
N THR B 522 -16.63 5.47 16.22
CA THR B 522 -16.62 5.97 17.61
C THR B 522 -15.21 5.87 18.20
N ASP B 523 -14.47 4.81 17.87
CA ASP B 523 -13.12 4.49 18.40
C ASP B 523 -12.02 5.12 17.54
N VAL B 524 -12.40 5.81 16.45
CA VAL B 524 -11.47 6.48 15.49
C VAL B 524 -11.60 8.00 15.65
N VAL B 525 -12.81 8.54 15.46
CA VAL B 525 -13.11 10.00 15.48
C VAL B 525 -13.08 10.49 16.93
N THR B 526 -12.76 11.77 17.13
CA THR B 526 -12.68 12.44 18.46
C THR B 526 -14.08 12.50 19.07
N PRO B 527 -14.21 12.58 20.41
CA PRO B 527 -15.52 12.77 21.05
C PRO B 527 -16.23 14.04 20.58
N SER B 528 -15.48 15.13 20.38
CA SER B 528 -15.97 16.47 19.95
C SER B 528 -16.69 16.36 18.60
N VAL B 529 -15.98 15.84 17.58
CA VAL B 529 -16.52 15.60 16.21
C VAL B 529 -17.74 14.68 16.32
N VAL B 530 -17.62 13.59 17.08
CA VAL B 530 -18.71 12.61 17.36
C VAL B 530 -19.77 13.30 18.22
N ASP B 542 -19.30 35.50 1.83
CA ASP B 542 -18.75 36.77 2.37
C ASP B 542 -19.52 37.95 1.73
N THR B 543 -19.35 39.15 2.28
CA THR B 543 -20.04 40.40 1.85
C THR B 543 -19.11 41.22 0.94
N LEU B 544 -17.80 40.90 0.93
CA LEU B 544 -16.81 41.46 -0.04
C LEU B 544 -16.85 40.63 -1.32
N TYR B 545 -16.96 39.30 -1.21
CA TYR B 545 -17.11 38.35 -2.34
C TYR B 545 -18.38 38.70 -3.13
N VAL B 546 -19.51 38.85 -2.43
CA VAL B 546 -20.82 39.26 -3.01
C VAL B 546 -20.66 40.64 -3.64
N GLY B 547 -19.92 41.55 -2.99
CA GLY B 547 -19.60 42.90 -3.49
C GLY B 547 -18.89 42.84 -4.83
N ALA B 548 -17.90 41.94 -4.97
CA ALA B 548 -17.08 41.74 -6.17
C ALA B 548 -17.95 41.26 -7.35
N LEU B 549 -18.97 40.44 -7.08
CA LEU B 549 -19.93 39.93 -8.09
C LEU B 549 -20.76 41.09 -8.66
N GLN B 550 -21.05 42.11 -7.85
CA GLN B 550 -21.83 43.30 -8.26
C GLN B 550 -20.99 44.16 -9.21
N GLU B 551 -19.70 44.33 -8.91
CA GLU B 551 -18.73 45.12 -9.71
C GLU B 551 -18.54 44.47 -11.10
N GLN B 552 -18.41 43.14 -11.14
CA GLN B 552 -18.23 42.35 -12.38
C GLN B 552 -19.50 42.42 -13.24
N VAL B 553 -20.67 42.31 -12.61
CA VAL B 553 -22.01 42.42 -13.28
C VAL B 553 -22.15 43.85 -13.85
N LYS B 554 -21.68 44.85 -13.11
CA LYS B 554 -21.65 46.28 -13.54
C LYS B 554 -20.86 46.39 -14.85
N ILE B 555 -19.74 45.67 -14.96
CA ILE B 555 -18.86 45.63 -16.17
C ILE B 555 -19.64 45.00 -17.34
N LEU B 556 -20.34 43.89 -17.08
CA LEU B 556 -21.17 43.15 -18.09
C LEU B 556 -22.37 44.00 -18.51
N LEU B 557 -22.98 44.73 -17.57
CA LEU B 557 -24.16 45.61 -17.79
C LEU B 557 -23.77 46.81 -18.67
N LYS B 558 -22.52 47.25 -18.61
CA LYS B 558 -21.98 48.42 -19.38
C LYS B 558 -22.05 48.13 -20.87
N GLU B 559 -21.74 46.89 -21.28
CA GLU B 559 -21.79 46.43 -22.70
C GLU B 559 -23.20 45.91 -23.01
N PRO B 560 -23.98 46.61 -23.86
CA PRO B 560 -25.37 46.22 -24.13
C PRO B 560 -25.56 45.29 -25.35
N SER B 561 -24.56 44.45 -25.67
CA SER B 561 -24.57 43.53 -26.83
C SER B 561 -24.24 42.09 -26.39
N SER B 562 -24.34 41.78 -25.09
CA SER B 562 -24.04 40.45 -24.50
C SER B 562 -25.23 39.52 -24.73
N PRO B 563 -25.01 38.25 -25.16
CA PRO B 563 -26.11 37.30 -25.35
C PRO B 563 -26.68 36.74 -24.04
N VAL B 564 -26.09 37.12 -22.90
CA VAL B 564 -26.58 36.83 -21.52
C VAL B 564 -27.96 37.48 -21.35
N PHE B 565 -28.14 38.69 -21.89
CA PHE B 565 -29.35 39.54 -21.71
C PHE B 565 -30.50 39.04 -22.59
N ASP B 566 -30.26 38.03 -23.42
CA ASP B 566 -31.32 37.27 -24.14
C ASP B 566 -32.01 36.31 -23.14
N LEU B 567 -31.28 35.89 -22.10
CA LEU B 567 -31.76 34.96 -21.04
C LEU B 567 -32.14 35.75 -19.78
N PHE B 568 -31.32 36.72 -19.38
CA PHE B 568 -31.48 37.53 -18.15
C PHE B 568 -31.99 38.94 -18.49
N ASP B 569 -32.90 39.46 -17.67
CA ASP B 569 -33.47 40.83 -17.80
C ASP B 569 -32.39 41.84 -17.40
N ARG B 570 -31.99 42.72 -18.34
CA ARG B 570 -30.92 43.74 -18.16
C ARG B 570 -31.30 44.69 -17.01
N SER B 571 -32.57 45.12 -16.97
CA SER B 571 -33.12 46.09 -15.98
C SER B 571 -33.05 45.52 -14.56
N LYS B 572 -33.52 44.28 -14.38
CA LYS B 572 -33.65 43.62 -13.04
C LYS B 572 -32.27 43.25 -12.50
N LEU B 573 -31.33 42.86 -13.37
CA LEU B 573 -29.93 42.55 -13.01
C LEU B 573 -29.23 43.83 -12.51
N ALA B 574 -29.52 44.97 -13.14
CA ALA B 574 -28.97 46.31 -12.80
C ALA B 574 -29.57 46.80 -11.48
N GLU B 575 -30.86 46.53 -11.25
CA GLU B 575 -31.59 46.91 -10.01
C GLU B 575 -30.96 46.16 -8.81
N ALA B 576 -30.50 44.93 -9.03
CA ALA B 576 -29.82 44.09 -8.01
C ALA B 576 -28.36 44.50 -7.86
N ALA B 577 -27.74 45.04 -8.92
CA ALA B 577 -26.36 45.57 -8.93
C ALA B 577 -26.30 46.87 -8.12
N GLU B 578 -27.31 47.73 -8.27
CA GLU B 578 -27.42 49.05 -7.57
C GLU B 578 -27.74 48.83 -6.09
N LEU B 579 -28.27 47.66 -5.72
CA LEU B 579 -28.51 47.24 -4.30
C LEU B 579 -27.17 47.04 -3.59
N SER B 580 -27.20 46.74 -2.29
CA SER B 580 -26.01 46.68 -1.40
C SER B 580 -25.81 45.26 -0.85
N PRO B 581 -24.55 44.83 -0.62
CA PRO B 581 -24.27 43.51 -0.05
C PRO B 581 -24.67 43.43 1.43
N ALA B 585 -28.37 38.99 -1.32
CA ALA B 585 -28.26 37.65 -0.70
C ALA B 585 -29.49 36.80 -1.08
N GLY B 586 -29.26 35.67 -1.75
CA GLY B 586 -30.30 34.69 -2.14
C GLY B 586 -30.48 34.61 -3.65
N ALA B 587 -31.64 35.04 -4.15
CA ALA B 587 -32.01 35.06 -5.58
C ALA B 587 -31.09 35.97 -6.37
N PRO B 588 -30.91 37.27 -5.99
CA PRO B 588 -29.99 38.16 -6.69
C PRO B 588 -28.57 37.58 -6.79
N ARG B 589 -28.07 36.96 -5.72
CA ARG B 589 -26.71 36.36 -5.66
C ARG B 589 -26.61 35.21 -6.68
N ALA B 590 -27.62 34.35 -6.72
CA ALA B 590 -27.73 33.19 -7.64
C ALA B 590 -27.77 33.68 -9.10
N ALA B 591 -28.34 34.86 -9.34
CA ALA B 591 -28.46 35.49 -10.68
C ALA B 591 -27.07 35.94 -11.17
N PHE B 592 -26.32 36.65 -10.31
CA PHE B 592 -24.96 37.19 -10.61
C PHE B 592 -24.02 36.04 -10.97
N GLU B 593 -24.08 34.95 -10.19
CA GLU B 593 -23.21 33.74 -10.33
C GLU B 593 -23.52 33.04 -11.65
N LYS B 594 -24.78 33.02 -12.08
CA LYS B 594 -25.25 32.37 -13.33
C LYS B 594 -24.95 33.27 -14.52
N ALA B 595 -25.19 34.58 -14.39
CA ALA B 595 -24.95 35.62 -15.42
C ALA B 595 -23.45 35.68 -15.76
N LEU B 596 -22.60 35.86 -14.73
CA LEU B 596 -21.12 35.95 -14.86
C LEU B 596 -20.60 34.68 -15.56
N ASP B 597 -21.13 33.50 -15.18
CA ASP B 597 -20.75 32.18 -15.77
C ASP B 597 -21.17 32.15 -17.25
N LEU B 598 -22.41 32.57 -17.55
CA LEU B 598 -22.98 32.57 -18.93
C LEU B 598 -22.09 33.44 -19.83
N ALA B 599 -21.83 34.69 -19.41
CA ALA B 599 -20.94 35.65 -20.11
C ALA B 599 -19.64 34.95 -20.51
N VAL B 600 -18.95 34.36 -19.52
CA VAL B 600 -17.67 33.60 -19.69
C VAL B 600 -17.91 32.44 -20.68
N TRP B 601 -18.97 31.65 -20.46
CA TRP B 601 -19.33 30.45 -21.28
C TRP B 601 -19.47 30.84 -22.76
N PHE B 602 -20.20 31.91 -23.05
CA PHE B 602 -20.47 32.43 -24.41
C PHE B 602 -19.16 32.82 -25.12
N GLU B 603 -18.12 33.16 -24.36
CA GLU B 603 -16.79 33.58 -24.89
C GLU B 603 -15.90 32.35 -25.07
N ILE B 604 -15.94 31.39 -24.14
CA ILE B 604 -15.11 30.14 -24.16
C ILE B 604 -15.61 29.22 -25.27
N ARG B 605 -16.87 28.80 -25.22
CA ARG B 605 -17.45 27.73 -26.07
C ARG B 605 -18.12 28.34 -27.32
N ASN B 606 -18.85 29.44 -27.16
CA ASN B 606 -19.60 30.14 -28.23
C ASN B 606 -20.67 29.21 -28.79
N PRO B 607 -21.70 28.86 -27.99
CA PRO B 607 -22.75 27.94 -28.44
C PRO B 607 -23.75 28.58 -29.41
N GLU B 608 -24.32 27.79 -30.30
CA GLU B 608 -25.43 28.17 -31.21
C GLU B 608 -26.76 27.79 -30.55
N LEU B 609 -27.27 28.64 -29.66
CA LEU B 609 -28.50 28.39 -28.85
C LEU B 609 -29.72 28.37 -29.79
N ARG B 610 -30.34 27.21 -29.96
CA ARG B 610 -31.51 26.96 -30.86
C ARG B 610 -32.65 27.91 -30.48
N TYR B 611 -32.78 28.24 -29.19
CA TYR B 611 -33.76 29.22 -28.64
C TYR B 611 -33.79 30.48 -29.51
S SO4 C . 3.77 -7.51 39.06
O1 SO4 C . 3.56 -7.78 37.66
O2 SO4 C . 5.17 -7.25 39.28
O3 SO4 C . 3.00 -6.35 39.44
O4 SO4 C . 3.36 -8.64 39.84
S SO4 D . 3.79 -19.12 40.94
O1 SO4 D . 4.26 -18.91 39.60
O2 SO4 D . 4.90 -19.20 41.85
O3 SO4 D . 2.94 -18.02 41.32
O4 SO4 D . 3.04 -20.34 41.01
S SO4 E . 31.04 7.83 -15.27
O1 SO4 E . 31.23 8.67 -16.42
O2 SO4 E . 32.31 7.61 -14.61
O3 SO4 E . 30.14 8.46 -14.35
O4 SO4 E . 30.50 6.56 -15.69
S SO4 F . -20.30 16.50 7.51
O1 SO4 F . -19.10 15.99 6.88
O2 SO4 F . -20.17 17.92 7.68
O3 SO4 F . -21.42 16.21 6.67
O4 SO4 F . -20.47 15.87 8.78
S SO4 G . -39.30 19.34 9.38
O1 SO4 G . -38.77 20.10 8.29
O2 SO4 G . -38.22 18.75 10.13
O3 SO4 G . -40.08 20.20 10.23
O4 SO4 G . -40.15 18.29 8.86
S SO4 H . -0.66 -9.71 -25.46
O1 SO4 H . 0.42 -10.63 -25.27
O2 SO4 H . -0.46 -8.56 -24.62
O3 SO4 H . -0.70 -9.29 -26.83
O4 SO4 H . -1.90 -10.35 -25.12
S SO4 I . -17.28 -18.14 -14.69
O1 SO4 I . -16.64 -17.75 -15.92
O2 SO4 I . -16.67 -17.45 -13.59
O3 SO4 I . -18.67 -17.80 -14.75
O4 SO4 I . -17.13 -19.56 -14.51
S SO4 J . -16.66 24.44 -31.11
O1 SO4 J . -15.30 24.11 -31.43
O2 SO4 J . -16.70 25.26 -29.94
O3 SO4 J . -17.26 25.15 -32.21
O4 SO4 J . -17.40 23.23 -30.88
S SO4 K . 1.77 -13.64 -14.74
O1 SO4 K . 2.54 -12.97 -15.74
O2 SO4 K . 2.53 -13.75 -13.54
O3 SO4 K . 0.57 -12.91 -14.49
O4 SO4 K . 1.43 -14.96 -15.21
S SO4 L . 2.05 15.79 -23.76
O1 SO4 L . 1.44 16.04 -25.03
O2 SO4 L . 3.48 15.94 -23.87
O3 SO4 L . 1.54 16.75 -22.79
O4 SO4 L . 1.73 14.46 -23.32
#